data_8XSV
#
_entry.id   8XSV
#
_cell.length_a   95.893
_cell.length_b   126.898
_cell.length_c   89.980
_cell.angle_alpha   90.00
_cell.angle_beta   90.00
_cell.angle_gamma   90.00
#
_symmetry.space_group_name_H-M   'P 21 21 2'
#
loop_
_entity.id
_entity.type
_entity.pdbx_description
1 polymer 'Phosphopantetheine adenylyltransferase'
2 non-polymer 'DEPHOSPHO COENZYME A'
3 water water
#
_entity_poly.entity_id   1
_entity_poly.type   'polypeptide(L)'
_entity_poly.pdbx_seq_one_letter_code
;MQKIGIYAGTFDPVTNGHIDIIHRSSELFEKLIVAVAHSSAKNPMFSLDERLKMIQLATKSFKNVECVAFEGLLANLAKE
YHCKVLVRGLRVVSDFEYELQMGYANKSLNHELETLYFMPTLQNAFISSSIVRSIIAHKGDASHLVPKEIYPLIS
;
_entity_poly.pdbx_strand_id   A,B,C,D,E,F
#
# COMPACT_ATOMS: atom_id res chain seq x y z
N MET A 1 14.17 19.25 -23.97
CA MET A 1 13.75 18.51 -22.66
C MET A 1 14.98 17.67 -22.22
N GLN A 2 15.69 17.10 -23.18
CA GLN A 2 16.88 16.24 -22.95
C GLN A 2 18.17 17.00 -22.59
N LYS A 3 18.08 18.34 -22.63
CA LYS A 3 19.23 19.15 -22.36
C LYS A 3 19.87 18.94 -21.05
N ILE A 4 19.02 18.94 -19.98
CA ILE A 4 19.52 18.86 -18.63
C ILE A 4 18.43 18.23 -17.75
N GLY A 5 18.82 17.24 -16.98
CA GLY A 5 17.95 16.68 -15.95
C GLY A 5 18.59 16.88 -14.54
N ILE A 6 17.72 17.07 -13.52
CA ILE A 6 18.25 17.13 -12.19
C ILE A 6 17.78 15.95 -11.37
N TYR A 7 18.73 15.26 -10.79
CA TYR A 7 18.49 14.15 -9.81
C TYR A 7 18.86 14.56 -8.36
N ALA A 8 17.83 14.91 -7.57
CA ALA A 8 18.04 15.64 -6.26
C ALA A 8 17.94 14.51 -5.19
N GLY A 9 18.64 14.69 -4.11
CA GLY A 9 18.30 13.76 -3.00
C GLY A 9 19.24 14.21 -1.88
N THR A 10 19.07 13.53 -0.75
CA THR A 10 19.88 13.72 0.46
C THR A 10 21.20 12.99 0.34
N PHE A 11 21.14 11.86 -0.31
CA PHE A 11 22.30 10.98 -0.52
C PHE A 11 23.14 10.74 0.72
N ASP A 12 22.52 10.15 1.72
CA ASP A 12 23.17 10.04 3.05
C ASP A 12 23.38 8.57 3.52
N PRO A 13 24.36 7.84 2.98
CA PRO A 13 25.30 8.20 1.93
C PRO A 13 24.75 7.78 0.56
N VAL A 14 25.44 8.20 -0.53
CA VAL A 14 25.15 7.60 -1.87
C VAL A 14 25.23 6.05 -1.80
N THR A 15 24.34 5.34 -2.46
CA THR A 15 24.40 3.79 -2.39
C THR A 15 24.45 3.29 -3.79
N ASN A 16 24.52 1.99 -3.94
CA ASN A 16 24.56 1.38 -5.30
C ASN A 16 23.29 1.71 -6.07
N GLY A 17 22.19 1.80 -5.36
CA GLY A 17 20.85 2.06 -6.04
C GLY A 17 20.92 3.47 -6.66
N HIS A 18 21.41 4.47 -5.94
CA HIS A 18 21.57 5.83 -6.57
C HIS A 18 22.40 5.80 -7.83
N ILE A 19 23.45 5.06 -7.82
CA ILE A 19 24.33 5.06 -8.95
C ILE A 19 23.65 4.43 -10.15
N ASP A 20 22.82 3.38 -9.95
CA ASP A 20 22.05 2.81 -11.07
C ASP A 20 21.19 3.91 -11.69
N ILE A 21 20.56 4.78 -10.88
CA ILE A 21 19.70 5.78 -11.43
C ILE A 21 20.55 6.76 -12.20
N ILE A 22 21.65 7.16 -11.59
CA ILE A 22 22.56 8.08 -12.32
C ILE A 22 23.03 7.47 -13.64
N HIS A 23 23.46 6.20 -13.62
CA HIS A 23 23.92 5.48 -14.81
C HIS A 23 22.85 5.56 -15.98
N ARG A 24 21.60 5.17 -15.69
CA ARG A 24 20.58 5.28 -16.73
C ARG A 24 20.11 6.66 -17.08
N SER A 25 19.92 7.52 -16.13
CA SER A 25 19.36 8.79 -16.53
C SER A 25 20.40 9.62 -17.20
N SER A 26 21.66 9.42 -16.86
CA SER A 26 22.65 10.25 -17.60
C SER A 26 22.71 9.81 -19.10
N GLU A 27 22.07 8.68 -19.46
CA GLU A 27 21.92 8.40 -20.88
C GLU A 27 20.88 9.24 -21.57
N LEU A 28 19.82 9.60 -20.86
CA LEU A 28 18.76 10.36 -21.50
C LEU A 28 19.03 11.85 -21.65
N PHE A 29 19.69 12.42 -20.64
CA PHE A 29 19.99 13.84 -20.64
C PHE A 29 21.44 14.15 -21.08
N GLU A 30 21.60 15.25 -21.80
CA GLU A 30 22.98 15.61 -22.28
C GLU A 30 23.82 16.05 -21.07
N LYS A 31 23.22 16.73 -20.12
CA LYS A 31 23.89 16.92 -18.82
C LYS A 31 22.94 16.44 -17.60
N LEU A 32 23.49 15.73 -16.65
CA LEU A 32 22.70 15.35 -15.44
C LEU A 32 23.31 16.08 -14.25
N ILE A 33 22.54 16.95 -13.60
CA ILE A 33 23.02 17.57 -12.35
C ILE A 33 22.49 16.57 -11.25
N VAL A 34 23.41 16.12 -10.42
CA VAL A 34 23.02 15.40 -9.20
C VAL A 34 23.01 16.49 -8.14
N ALA A 35 21.85 16.76 -7.54
CA ALA A 35 21.76 17.91 -6.59
C ALA A 35 21.66 17.40 -5.15
N VAL A 36 22.67 17.63 -4.32
CA VAL A 36 22.67 17.13 -2.94
C VAL A 36 21.96 18.15 -2.05
N ALA A 37 20.76 17.85 -1.54
CA ALA A 37 20.05 18.85 -0.71
C ALA A 37 20.72 18.86 0.68
N HIS A 38 20.69 20.06 1.31
CA HIS A 38 21.15 20.19 2.69
C HIS A 38 20.35 19.25 3.58
N SER A 39 19.01 19.24 3.44
CA SER A 39 18.05 18.35 4.20
C SER A 39 18.31 18.33 5.78
N SER A 40 18.60 19.53 6.29
CA SER A 40 18.75 19.86 7.73
C SER A 40 17.77 19.08 8.59
N ALA A 41 16.53 19.26 8.22
CA ALA A 41 15.43 18.76 9.04
C ALA A 41 15.47 17.18 9.18
N LYS A 42 16.21 16.47 8.31
CA LYS A 42 16.26 15.04 8.36
C LYS A 42 17.45 14.59 9.19
N ASN A 43 18.19 15.55 9.72
CA ASN A 43 19.35 15.24 10.52
C ASN A 43 20.33 14.22 9.93
N PRO A 44 20.87 14.53 8.71
CA PRO A 44 21.69 13.50 8.01
C PRO A 44 22.80 12.97 8.86
N MET A 45 23.17 11.70 8.70
CA MET A 45 24.36 11.25 9.35
C MET A 45 25.61 12.03 8.87
N PHE A 46 25.77 12.18 7.55
CA PHE A 46 26.91 12.83 6.95
C PHE A 46 26.66 14.30 6.62
N SER A 47 27.66 15.16 6.82
CA SER A 47 27.50 16.58 6.61
C SER A 47 27.24 16.85 5.14
N LEU A 48 26.81 18.02 4.80
CA LEU A 48 26.53 18.30 3.36
C LEU A 48 27.82 18.17 2.51
N ASP A 49 28.89 18.70 3.06
CA ASP A 49 30.10 18.64 2.34
C ASP A 49 30.61 17.25 2.17
N GLU A 50 30.44 16.40 3.20
CA GLU A 50 30.91 15.03 3.06
C GLU A 50 30.09 14.25 2.03
N ARG A 51 28.78 14.46 2.13
CA ARG A 51 27.83 13.81 1.13
C ARG A 51 28.16 14.21 -0.29
N LEU A 52 28.37 15.52 -0.51
CA LEU A 52 28.81 16.05 -1.83
C LEU A 52 30.11 15.39 -2.28
N LYS A 53 31.11 15.31 -1.42
CA LYS A 53 32.37 14.62 -1.90
C LYS A 53 32.22 13.15 -2.25
N MET A 54 31.41 12.41 -1.46
CA MET A 54 31.27 10.98 -1.71
C MET A 54 30.61 10.84 -3.08
N ILE A 55 29.66 11.67 -3.38
CA ILE A 55 28.90 11.38 -4.58
C ILE A 55 29.69 11.85 -5.81
N GLN A 56 30.43 12.95 -5.63
CA GLN A 56 31.32 13.41 -6.69
C GLN A 56 32.29 12.30 -7.04
N LEU A 57 32.88 11.67 -6.01
CA LEU A 57 33.83 10.58 -6.18
C LEU A 57 33.20 9.36 -6.86
N ALA A 58 32.00 8.98 -6.42
CA ALA A 58 31.27 7.82 -6.93
C ALA A 58 30.79 8.05 -8.37
N THR A 59 30.71 9.32 -8.79
CA THR A 59 30.18 9.60 -10.09
C THR A 59 31.23 10.14 -11.14
N LYS A 60 32.51 10.12 -10.77
CA LYS A 60 33.51 10.77 -11.67
C LYS A 60 33.55 10.08 -13.05
N SER A 61 33.19 8.80 -13.14
CA SER A 61 33.32 8.13 -14.38
C SER A 61 32.17 8.45 -15.35
N PHE A 62 31.18 9.21 -14.87
CA PHE A 62 30.05 9.59 -15.70
C PHE A 62 30.34 10.94 -16.24
N LYS A 63 30.63 11.07 -17.54
CA LYS A 63 31.34 12.29 -18.00
C LYS A 63 30.43 13.46 -18.10
N ASN A 64 29.12 13.21 -18.26
CA ASN A 64 28.16 14.30 -18.32
C ASN A 64 27.40 14.55 -17.01
N VAL A 65 27.92 14.06 -15.90
CA VAL A 65 27.32 14.31 -14.64
C VAL A 65 28.10 15.35 -13.90
N GLU A 66 27.39 16.31 -13.31
CA GLU A 66 27.99 17.21 -12.34
C GLU A 66 27.12 17.18 -11.02
N CYS A 67 27.77 17.09 -9.87
CA CYS A 67 27.18 17.14 -8.60
C CYS A 67 27.32 18.52 -7.91
N VAL A 68 26.25 19.01 -7.32
CA VAL A 68 26.22 20.29 -6.65
C VAL A 68 25.52 20.10 -5.35
N ALA A 69 25.82 20.96 -4.39
CA ALA A 69 25.08 20.97 -3.09
C ALA A 69 24.13 22.17 -3.24
N PHE A 70 22.96 22.16 -2.60
CA PHE A 70 21.99 23.26 -2.61
C PHE A 70 21.19 23.30 -1.32
N GLU A 71 20.74 24.50 -0.95
CA GLU A 71 20.09 24.73 0.28
C GLU A 71 18.73 25.25 0.09
N GLY A 72 18.37 25.65 -1.15
CA GLY A 72 17.05 26.23 -1.43
C GLY A 72 15.94 25.22 -1.88
N LEU A 73 14.95 25.73 -2.57
CA LEU A 73 13.86 24.90 -3.07
C LEU A 73 14.30 24.29 -4.36
N LEU A 74 14.03 23.01 -4.51
CA LEU A 74 14.42 22.33 -5.75
C LEU A 74 13.75 22.95 -7.01
N ALA A 75 12.51 23.38 -6.89
CA ALA A 75 11.89 23.91 -8.10
C ALA A 75 12.63 25.20 -8.58
N ASN A 76 13.15 25.97 -7.63
CA ASN A 76 13.98 27.15 -7.94
C ASN A 76 15.33 26.89 -8.49
N LEU A 77 15.94 25.85 -8.00
CA LEU A 77 17.20 25.38 -8.62
C LEU A 77 16.98 25.05 -10.04
N ALA A 78 15.90 24.35 -10.35
CA ALA A 78 15.69 23.85 -11.75
C ALA A 78 15.56 25.04 -12.66
N LYS A 79 14.87 26.04 -12.13
CA LYS A 79 14.72 27.30 -12.85
C LYS A 79 16.10 27.90 -13.19
N GLU A 80 17.02 27.97 -12.25
CA GLU A 80 18.32 28.57 -12.60
C GLU A 80 19.10 27.72 -13.57
N TYR A 81 18.85 26.40 -13.55
CA TYR A 81 19.55 25.53 -14.50
C TYR A 81 18.82 25.40 -15.82
N HIS A 82 17.70 26.09 -16.00
CA HIS A 82 16.86 25.91 -17.21
C HIS A 82 16.39 24.45 -17.40
N CYS A 83 16.15 23.81 -16.27
CA CYS A 83 15.88 22.38 -16.35
C CYS A 83 14.37 22.17 -16.27
N LYS A 84 13.82 21.29 -17.11
CA LYS A 84 12.37 21.03 -17.10
C LYS A 84 12.03 19.61 -16.59
N VAL A 85 13.04 18.86 -16.16
CA VAL A 85 12.84 17.45 -15.71
C VAL A 85 13.62 17.12 -14.43
N LEU A 86 12.84 16.84 -13.38
CA LEU A 86 13.40 16.13 -12.21
C LEU A 86 13.38 14.68 -12.40
N VAL A 87 14.47 14.08 -12.02
CA VAL A 87 14.67 12.61 -12.11
C VAL A 87 14.49 12.07 -10.75
N ARG A 88 13.68 11.01 -10.58
CA ARG A 88 13.61 10.32 -9.27
C ARG A 88 13.84 8.85 -9.49
N GLY A 89 14.23 8.14 -8.44
CA GLY A 89 14.38 6.71 -8.56
C GLY A 89 13.18 6.04 -7.88
N LEU A 90 12.75 4.88 -8.40
CA LEU A 90 11.65 4.13 -7.76
C LEU A 90 12.18 2.81 -7.32
N ARG A 91 11.96 2.49 -6.04
CA ARG A 91 12.38 1.18 -5.57
C ARG A 91 11.32 0.54 -4.68
N VAL A 92 11.67 -0.61 -4.11
CA VAL A 92 10.68 -1.42 -3.41
C VAL A 92 10.09 -0.67 -2.24
N VAL A 93 10.86 0.10 -1.52
CA VAL A 93 10.25 0.77 -0.35
C VAL A 93 9.81 2.20 -0.68
N SER A 94 9.74 2.55 -1.98
CA SER A 94 9.34 3.87 -2.41
C SER A 94 7.95 4.16 -1.85
N ASP A 95 7.76 5.37 -1.29
CA ASP A 95 6.36 5.90 -0.89
C ASP A 95 5.78 6.47 -2.14
N PHE A 96 5.10 5.63 -2.86
CA PHE A 96 4.64 6.00 -4.20
C PHE A 96 3.75 7.25 -4.28
N GLU A 97 2.82 7.31 -3.38
CA GLU A 97 1.92 8.41 -3.24
C GLU A 97 2.67 9.73 -2.88
N TYR A 98 3.61 9.65 -1.97
CA TYR A 98 4.48 10.79 -1.68
C TYR A 98 5.32 11.25 -2.90
N GLU A 99 5.78 10.32 -3.73
CA GLU A 99 6.40 10.73 -5.05
C GLU A 99 5.41 11.46 -5.89
N LEU A 100 4.19 10.92 -6.10
CA LEU A 100 3.21 11.67 -6.88
C LEU A 100 2.96 13.03 -6.20
N GLN A 101 2.78 13.06 -4.88
CA GLN A 101 2.46 14.34 -4.27
C GLN A 101 3.59 15.43 -4.49
N MET A 102 4.86 15.02 -4.33
CA MET A 102 5.96 15.93 -4.44
C MET A 102 6.16 16.34 -5.92
N GLY A 103 5.98 15.38 -6.85
CA GLY A 103 5.92 15.73 -8.32
C GLY A 103 4.92 16.89 -8.62
N TYR A 104 3.72 16.77 -8.06
CA TYR A 104 2.70 17.84 -8.32
C TYR A 104 3.09 19.09 -7.58
N ALA A 105 3.66 18.93 -6.41
CA ALA A 105 3.99 20.16 -5.66
C ALA A 105 5.13 20.92 -6.39
N ASN A 106 6.09 20.20 -6.94
CA ASN A 106 7.19 20.86 -7.69
C ASN A 106 6.65 21.50 -9.00
N LYS A 107 5.71 20.83 -9.64
CA LYS A 107 5.00 21.41 -10.79
C LYS A 107 4.25 22.72 -10.39
N SER A 108 3.66 22.76 -9.21
CA SER A 108 2.82 23.90 -8.84
C SER A 108 3.80 25.06 -8.50
N LEU A 109 5.03 24.74 -8.05
CA LEU A 109 6.08 25.76 -7.77
C LEU A 109 6.85 26.20 -9.03
N ASN A 110 6.79 25.41 -10.12
CA ASN A 110 7.45 25.73 -11.39
C ASN A 110 6.70 25.00 -12.50
N HIS A 111 5.92 25.81 -13.25
CA HIS A 111 4.99 25.29 -14.23
C HIS A 111 5.60 24.55 -15.38
N GLU A 112 6.88 24.62 -15.62
CA GLU A 112 7.42 23.84 -16.72
C GLU A 112 8.09 22.54 -16.23
N LEU A 113 7.92 22.20 -14.92
CA LEU A 113 8.88 21.25 -14.36
C LEU A 113 8.21 19.92 -14.18
N GLU A 114 8.65 18.94 -14.95
CA GLU A 114 8.10 17.58 -14.93
C GLU A 114 8.93 16.73 -13.95
N THR A 115 8.37 15.58 -13.60
CA THR A 115 9.10 14.54 -12.82
C THR A 115 9.07 13.25 -13.59
N LEU A 116 10.24 12.62 -13.72
CA LEU A 116 10.37 11.37 -14.46
C LEU A 116 11.00 10.31 -13.57
N TYR A 117 10.50 9.08 -13.65
CA TYR A 117 11.07 8.05 -12.73
C TYR A 117 11.79 6.97 -13.46
N PHE A 118 12.93 6.53 -12.91
CA PHE A 118 13.72 5.39 -13.27
C PHE A 118 13.73 4.29 -12.16
N MET A 119 14.16 3.09 -12.57
CA MET A 119 14.39 1.95 -11.69
C MET A 119 15.80 1.56 -11.70
N PRO A 120 16.31 1.10 -10.52
CA PRO A 120 17.65 0.53 -10.38
C PRO A 120 17.61 -0.94 -10.83
N THR A 121 18.75 -1.56 -10.86
CA THR A 121 18.82 -2.93 -11.19
C THR A 121 18.06 -3.65 -10.07
N LEU A 122 17.53 -4.79 -10.40
CA LEU A 122 16.72 -5.58 -9.40
C LEU A 122 17.56 -5.85 -8.11
N GLN A 123 18.84 -6.21 -8.22
CA GLN A 123 19.60 -6.49 -6.99
C GLN A 123 19.66 -5.32 -6.09
N ASN A 124 19.65 -4.11 -6.67
CA ASN A 124 19.75 -2.89 -5.87
C ASN A 124 18.40 -2.24 -5.48
N ALA A 125 17.29 -2.87 -5.92
CA ALA A 125 15.94 -2.29 -5.64
C ALA A 125 15.57 -2.37 -4.15
N PHE A 126 16.29 -3.19 -3.38
CA PHE A 126 16.06 -3.25 -1.95
C PHE A 126 17.12 -2.49 -1.14
N ILE A 127 17.84 -1.55 -1.77
CA ILE A 127 18.82 -0.87 -0.96
C ILE A 127 18.27 0.38 -0.51
N SER A 128 18.35 0.63 0.80
CA SER A 128 17.98 2.03 1.29
C SER A 128 19.12 2.67 2.06
N SER A 129 19.21 3.97 1.96
CA SER A 129 20.17 4.72 2.76
C SER A 129 20.05 4.47 4.26
N SER A 130 18.85 4.45 4.71
CA SER A 130 18.67 4.26 6.11
C SER A 130 19.16 2.86 6.64
N ILE A 131 19.10 1.83 5.81
CA ILE A 131 19.61 0.50 6.19
C ILE A 131 21.12 0.60 6.28
N VAL A 132 21.74 1.25 5.26
CA VAL A 132 23.19 1.59 5.26
C VAL A 132 23.64 2.32 6.55
N ARG A 133 22.88 3.35 6.95
CA ARG A 133 23.28 4.12 8.08
C ARG A 133 23.23 3.21 9.36
N SER A 134 22.17 2.43 9.49
CA SER A 134 21.96 1.43 10.55
C SER A 134 23.18 0.49 10.69
N ILE A 135 23.61 -0.07 9.53
CA ILE A 135 24.76 -0.90 9.51
C ILE A 135 26.05 -0.19 9.92
N ILE A 136 26.26 1.03 9.39
CA ILE A 136 27.44 1.82 9.67
C ILE A 136 27.43 2.02 11.17
N ALA A 137 26.29 2.51 11.69
CA ALA A 137 26.23 2.93 13.11
C ALA A 137 26.45 1.82 14.15
N HIS A 138 26.04 0.62 13.82
CA HIS A 138 26.21 -0.56 14.67
C HIS A 138 27.45 -1.27 14.20
N LYS A 139 28.32 -0.49 13.53
CA LYS A 139 29.67 -0.87 13.10
C LYS A 139 29.88 -2.10 12.19
N GLY A 140 28.90 -2.43 11.35
CA GLY A 140 29.04 -3.53 10.43
C GLY A 140 29.57 -3.06 9.07
N ASP A 141 29.73 -4.02 8.19
CA ASP A 141 30.26 -3.79 6.86
C ASP A 141 29.08 -3.53 5.82
N ALA A 142 29.01 -2.33 5.25
CA ALA A 142 27.96 -1.96 4.25
C ALA A 142 28.60 -1.79 2.94
N SER A 143 29.86 -2.31 2.83
CA SER A 143 30.66 -2.02 1.63
C SER A 143 29.99 -2.72 0.48
N HIS A 144 29.07 -3.66 0.73
CA HIS A 144 28.45 -4.33 -0.42
C HIS A 144 27.26 -3.49 -0.90
N LEU A 145 26.89 -2.47 -0.16
CA LEU A 145 25.70 -1.66 -0.53
C LEU A 145 26.03 -0.29 -1.11
N VAL A 146 27.30 0.17 -0.98
CA VAL A 146 27.70 1.46 -1.47
C VAL A 146 28.90 1.32 -2.42
N PRO A 147 29.14 2.32 -3.31
CA PRO A 147 30.31 2.12 -4.21
C PRO A 147 31.56 1.93 -3.39
N LYS A 148 32.40 0.97 -3.70
CA LYS A 148 33.52 0.66 -2.76
C LYS A 148 34.49 1.85 -2.60
N GLU A 149 34.66 2.69 -3.61
CA GLU A 149 35.58 3.82 -3.46
C GLU A 149 35.16 4.81 -2.42
N ILE A 150 33.90 4.86 -1.99
CA ILE A 150 33.55 5.81 -0.99
C ILE A 150 33.68 5.20 0.37
N TYR A 151 33.93 3.90 0.43
CA TYR A 151 34.00 3.21 1.71
C TYR A 151 34.89 3.84 2.78
N PRO A 152 36.12 4.24 2.44
CA PRO A 152 37.00 4.87 3.46
C PRO A 152 36.54 6.24 3.91
N LEU A 153 35.81 6.95 3.07
CA LEU A 153 35.14 8.16 3.47
C LEU A 153 34.11 7.86 4.55
N ILE A 154 33.36 6.78 4.40
CA ILE A 154 32.36 6.45 5.42
C ILE A 154 32.93 5.55 6.52
N MET B 1 18.55 5.62 -25.98
CA MET B 1 17.51 5.97 -24.95
C MET B 1 16.82 7.22 -25.40
N GLN B 2 17.53 8.09 -26.15
CA GLN B 2 16.96 9.44 -26.47
C GLN B 2 16.10 9.40 -27.69
N LYS B 3 16.25 8.36 -28.51
CA LYS B 3 15.66 8.37 -29.81
C LYS B 3 14.25 7.86 -29.87
N ILE B 4 13.86 7.00 -28.95
CA ILE B 4 12.60 6.30 -29.07
C ILE B 4 12.14 5.75 -27.73
N GLY B 5 10.84 5.83 -27.52
CA GLY B 5 10.22 5.18 -26.36
C GLY B 5 8.94 4.46 -26.89
N ILE B 6 8.60 3.38 -26.23
CA ILE B 6 7.27 2.72 -26.55
C ILE B 6 6.36 2.77 -25.32
N TYR B 7 5.22 3.44 -25.51
CA TYR B 7 4.15 3.44 -24.54
C TYR B 7 3.09 2.40 -24.88
N ALA B 8 3.17 1.27 -24.21
CA ALA B 8 2.32 0.10 -24.51
C ALA B 8 1.07 0.10 -23.59
N GLY B 9 -0.05 -0.45 -24.02
CA GLY B 9 -1.21 -0.50 -23.11
C GLY B 9 -2.36 -1.17 -23.80
N THR B 10 -3.44 -1.46 -23.06
CA THR B 10 -4.56 -2.15 -23.66
C THR B 10 -5.45 -1.07 -24.21
N PHE B 11 -5.40 0.14 -23.55
CA PHE B 11 -6.15 1.29 -24.02
C PHE B 11 -7.63 1.03 -24.31
N ASP B 12 -8.40 0.66 -23.28
CA ASP B 12 -9.75 0.05 -23.47
C ASP B 12 -10.89 0.81 -22.73
N PRO B 13 -11.30 2.05 -23.19
CA PRO B 13 -10.76 2.87 -24.33
C PRO B 13 -9.61 3.78 -23.86
N VAL B 14 -8.97 4.44 -24.79
CA VAL B 14 -7.99 5.52 -24.48
C VAL B 14 -8.72 6.59 -23.66
N THR B 15 -8.12 7.03 -22.54
CA THR B 15 -8.78 8.08 -21.69
C THR B 15 -7.92 9.37 -21.69
N ASN B 16 -8.42 10.42 -21.00
CA ASN B 16 -7.61 11.63 -20.87
C ASN B 16 -6.28 11.41 -20.13
N GLY B 17 -6.23 10.43 -19.24
CA GLY B 17 -4.95 10.17 -18.55
C GLY B 17 -3.92 9.55 -19.47
N HIS B 18 -4.34 8.63 -20.33
CA HIS B 18 -3.43 8.11 -21.38
C HIS B 18 -2.86 9.19 -22.24
N ILE B 19 -3.75 10.06 -22.71
CA ILE B 19 -3.32 11.23 -23.54
C ILE B 19 -2.24 12.10 -22.81
N ASP B 20 -2.45 12.37 -21.50
CA ASP B 20 -1.44 13.13 -20.75
C ASP B 20 -0.09 12.47 -20.87
N ILE B 21 -0.07 11.15 -20.77
CA ILE B 21 1.20 10.38 -20.76
C ILE B 21 1.80 10.44 -22.17
N ILE B 22 0.94 10.29 -23.14
CA ILE B 22 1.41 10.44 -24.51
C ILE B 22 2.02 11.87 -24.71
N HIS B 23 1.29 12.92 -24.38
CA HIS B 23 1.81 14.27 -24.44
C HIS B 23 3.10 14.36 -23.73
N ARG B 24 3.15 13.91 -22.46
CA ARG B 24 4.41 14.08 -21.63
C ARG B 24 5.58 13.29 -22.18
N SER B 25 5.33 12.01 -22.45
CA SER B 25 6.43 11.19 -22.90
C SER B 25 6.91 11.49 -24.38
N SER B 26 5.98 11.95 -25.20
CA SER B 26 6.35 12.41 -26.58
C SER B 26 7.35 13.62 -26.45
N GLU B 27 7.33 14.33 -25.34
CA GLU B 27 8.29 15.47 -25.17
C GLU B 27 9.74 15.04 -24.77
N LEU B 28 9.91 13.75 -24.48
CA LEU B 28 11.16 13.24 -23.96
C LEU B 28 11.94 12.34 -24.96
N PHE B 29 11.32 11.96 -26.06
CA PHE B 29 11.95 11.07 -26.99
C PHE B 29 11.69 11.63 -28.42
N GLU B 30 12.61 11.39 -29.33
CA GLU B 30 12.50 11.94 -30.64
C GLU B 30 11.27 11.28 -31.33
N LYS B 31 11.04 9.98 -31.08
CA LYS B 31 9.85 9.30 -31.60
C LYS B 31 9.19 8.54 -30.39
N LEU B 32 7.88 8.61 -30.28
CA LEU B 32 7.07 7.75 -29.38
C LEU B 32 6.16 6.79 -30.22
N ILE B 33 6.23 5.53 -29.89
CA ILE B 33 5.39 4.50 -30.44
C ILE B 33 4.32 4.21 -29.32
N VAL B 34 3.08 4.40 -29.70
CA VAL B 34 1.92 4.03 -28.87
C VAL B 34 1.51 2.65 -29.35
N ALA B 35 1.74 1.65 -28.51
CA ALA B 35 1.53 0.25 -28.90
C ALA B 35 0.31 -0.36 -28.16
N VAL B 36 -0.65 -0.71 -28.93
CA VAL B 36 -1.93 -1.22 -28.43
C VAL B 36 -1.88 -2.72 -28.47
N ALA B 37 -1.92 -3.32 -27.26
CA ALA B 37 -1.73 -4.74 -27.13
C ALA B 37 -3.05 -5.43 -27.34
N HIS B 38 -2.99 -6.61 -27.92
CA HIS B 38 -4.25 -7.42 -28.06
C HIS B 38 -4.93 -7.63 -26.72
N SER B 39 -4.22 -8.21 -25.73
CA SER B 39 -4.71 -8.27 -24.37
C SER B 39 -5.98 -9.11 -24.29
N SER B 40 -6.03 -10.17 -25.09
CA SER B 40 -7.28 -10.87 -25.23
C SER B 40 -7.62 -11.46 -23.83
N ALA B 41 -6.60 -11.66 -22.99
CA ALA B 41 -6.85 -12.24 -21.64
C ALA B 41 -7.62 -11.26 -20.74
N LYS B 42 -7.58 -9.97 -21.01
CA LYS B 42 -8.33 -9.08 -20.18
C LYS B 42 -9.76 -8.95 -20.68
N ASN B 43 -10.10 -9.66 -21.75
CA ASN B 43 -11.42 -9.55 -22.36
C ASN B 43 -11.87 -8.09 -22.65
N PRO B 44 -11.12 -7.34 -23.46
CA PRO B 44 -11.51 -5.93 -23.69
C PRO B 44 -12.93 -5.68 -24.13
N MET B 45 -13.45 -4.55 -23.73
CA MET B 45 -14.78 -4.10 -24.15
C MET B 45 -14.82 -3.86 -25.66
N PHE B 46 -13.79 -3.15 -26.10
CA PHE B 46 -13.55 -2.73 -27.48
C PHE B 46 -12.51 -3.67 -28.12
N SER B 47 -12.72 -4.00 -29.41
CA SER B 47 -11.79 -4.89 -30.08
C SER B 47 -10.43 -4.19 -30.35
N LEU B 48 -9.47 -4.98 -30.74
CA LEU B 48 -8.14 -4.40 -31.02
C LEU B 48 -8.27 -3.36 -32.14
N ASP B 49 -9.04 -3.68 -33.17
CA ASP B 49 -9.24 -2.71 -34.28
C ASP B 49 -9.81 -1.41 -33.80
N GLU B 50 -10.84 -1.47 -32.99
CA GLU B 50 -11.50 -0.25 -32.55
C GLU B 50 -10.47 0.51 -31.67
N ARG B 51 -9.68 -0.20 -30.89
CA ARG B 51 -8.79 0.57 -29.83
C ARG B 51 -7.67 1.26 -30.55
N LEU B 52 -7.11 0.56 -31.58
CA LEU B 52 -6.11 1.19 -32.46
C LEU B 52 -6.66 2.47 -33.09
N LYS B 53 -7.82 2.33 -33.73
CA LYS B 53 -8.45 3.46 -34.39
C LYS B 53 -8.66 4.61 -33.42
N MET B 54 -9.20 4.31 -32.24
CA MET B 54 -9.47 5.41 -31.27
C MET B 54 -8.16 6.09 -30.87
N ILE B 55 -7.08 5.33 -30.71
CA ILE B 55 -5.86 6.01 -30.24
C ILE B 55 -5.23 6.85 -31.39
N GLN B 56 -5.36 6.31 -32.60
CA GLN B 56 -4.92 7.04 -33.84
C GLN B 56 -5.59 8.35 -33.97
N LEU B 57 -6.88 8.33 -33.84
CA LEU B 57 -7.70 9.52 -33.82
C LEU B 57 -7.34 10.47 -32.73
N ALA B 58 -7.06 9.97 -31.55
CA ALA B 58 -6.89 10.88 -30.43
C ALA B 58 -5.47 11.44 -30.47
N THR B 59 -4.56 10.79 -31.19
CA THR B 59 -3.13 11.19 -31.22
C THR B 59 -2.72 11.87 -32.52
N LYS B 60 -3.69 12.06 -33.42
CA LYS B 60 -3.45 12.53 -34.80
C LYS B 60 -2.60 13.81 -34.83
N SER B 61 -2.81 14.73 -33.89
CA SER B 61 -2.08 15.99 -33.87
C SER B 61 -0.70 16.04 -33.11
N PHE B 62 -0.23 14.92 -32.56
CA PHE B 62 1.16 14.82 -32.03
C PHE B 62 2.10 14.48 -33.19
N LYS B 63 3.12 15.31 -33.46
CA LYS B 63 3.94 15.17 -34.68
C LYS B 63 4.83 13.98 -34.65
N ASN B 64 5.25 13.55 -33.45
CA ASN B 64 6.22 12.50 -33.38
C ASN B 64 5.69 11.17 -32.81
N VAL B 65 4.42 10.93 -33.00
CA VAL B 65 3.79 9.76 -32.37
C VAL B 65 3.28 8.82 -33.49
N GLU B 66 3.60 7.55 -33.42
CA GLU B 66 2.85 6.59 -34.27
C GLU B 66 2.22 5.47 -33.44
N CYS B 67 1.01 5.08 -33.84
CA CYS B 67 0.35 4.00 -33.13
C CYS B 67 0.41 2.71 -33.93
N VAL B 68 0.58 1.61 -33.24
CA VAL B 68 0.63 0.27 -33.83
C VAL B 68 -0.15 -0.66 -32.90
N ALA B 69 -0.71 -1.76 -33.46
CA ALA B 69 -1.26 -2.87 -32.71
C ALA B 69 -0.28 -4.00 -32.70
N PHE B 70 -0.25 -4.78 -31.62
CA PHE B 70 0.69 -5.91 -31.56
C PHE B 70 0.09 -7.02 -30.73
N GLU B 71 0.54 -8.24 -31.04
CA GLU B 71 -0.05 -9.46 -30.51
C GLU B 71 0.98 -10.20 -29.70
N GLY B 72 2.22 -9.82 -29.85
CA GLY B 72 3.31 -10.61 -29.31
C GLY B 72 3.84 -9.97 -28.00
N LEU B 73 5.05 -10.33 -27.65
CA LEU B 73 5.67 -9.85 -26.41
C LEU B 73 6.12 -8.44 -26.63
N LEU B 74 5.86 -7.58 -25.66
CA LEU B 74 6.31 -6.25 -25.72
C LEU B 74 7.84 -6.20 -25.75
N ALA B 75 8.54 -7.08 -25.04
CA ALA B 75 9.99 -6.98 -25.06
C ALA B 75 10.61 -7.31 -26.46
N ASN B 76 9.97 -8.19 -27.20
CA ASN B 76 10.43 -8.40 -28.62
C ASN B 76 9.99 -7.26 -29.54
N LEU B 77 8.84 -6.64 -29.24
CA LEU B 77 8.45 -5.45 -29.96
C LEU B 77 9.57 -4.32 -29.88
N ALA B 78 10.09 -4.07 -28.68
CA ALA B 78 11.06 -3.02 -28.48
C ALA B 78 12.35 -3.37 -29.30
N LYS B 79 12.73 -4.65 -29.27
CA LYS B 79 13.86 -5.21 -30.08
C LYS B 79 13.70 -4.84 -31.54
N GLU B 80 12.57 -5.13 -32.08
CA GLU B 80 12.20 -4.76 -33.46
C GLU B 80 12.41 -3.28 -33.78
N TYR B 81 12.04 -2.42 -32.84
CA TYR B 81 12.14 -1.01 -33.03
C TYR B 81 13.46 -0.42 -32.64
N HIS B 82 14.45 -1.23 -32.27
CA HIS B 82 15.70 -0.79 -31.64
C HIS B 82 15.44 0.24 -30.58
N CYS B 83 14.52 -0.13 -29.71
CA CYS B 83 14.06 0.70 -28.56
C CYS B 83 14.53 0.03 -27.26
N LYS B 84 15.10 0.83 -26.37
CA LYS B 84 15.39 0.36 -25.06
C LYS B 84 14.57 1.07 -23.93
N VAL B 85 13.51 1.78 -24.31
CA VAL B 85 12.66 2.48 -23.34
C VAL B 85 11.21 2.06 -23.47
N LEU B 86 10.67 1.42 -22.41
CA LEU B 86 9.23 1.31 -22.18
C LEU B 86 8.75 2.44 -21.27
N VAL B 87 7.73 3.12 -21.73
CA VAL B 87 7.10 4.23 -21.04
C VAL B 87 5.87 3.70 -20.32
N ARG B 88 5.69 4.05 -19.05
CA ARG B 88 4.41 3.73 -18.38
C ARG B 88 3.98 5.03 -17.66
N GLY B 89 2.69 5.11 -17.35
CA GLY B 89 2.18 6.27 -16.66
C GLY B 89 1.91 5.83 -15.22
N LEU B 90 2.19 6.70 -14.26
CA LEU B 90 2.00 6.36 -12.83
C LEU B 90 0.85 7.20 -12.38
N ARG B 91 -0.17 6.58 -11.78
CA ARG B 91 -1.39 7.32 -11.37
C ARG B 91 -1.78 6.87 -9.95
N VAL B 92 -2.93 7.38 -9.45
CA VAL B 92 -3.22 7.24 -8.00
C VAL B 92 -3.48 5.77 -7.66
N VAL B 93 -4.13 5.07 -8.58
CA VAL B 93 -4.47 3.68 -8.36
C VAL B 93 -3.50 2.78 -9.07
N SER B 94 -2.34 3.30 -9.50
CA SER B 94 -1.30 2.35 -10.02
C SER B 94 -0.97 1.27 -8.93
N ASP B 95 -0.81 0.00 -9.33
CA ASP B 95 -0.30 -0.97 -8.42
C ASP B 95 1.22 -0.94 -8.59
N PHE B 96 1.82 -0.24 -7.72
CA PHE B 96 3.17 0.09 -7.93
C PHE B 96 4.19 -1.07 -7.87
N GLU B 97 4.03 -1.97 -6.91
CA GLU B 97 4.90 -3.16 -6.84
C GLU B 97 4.79 -3.90 -8.20
N TYR B 98 3.60 -3.99 -8.75
CA TYR B 98 3.41 -4.76 -10.00
C TYR B 98 4.06 -4.04 -11.18
N GLU B 99 4.08 -2.69 -11.17
CA GLU B 99 4.91 -1.98 -12.22
C GLU B 99 6.35 -2.31 -12.09
N LEU B 100 6.89 -2.30 -10.86
CA LEU B 100 8.29 -2.68 -10.75
C LEU B 100 8.52 -4.12 -11.24
N GLN B 101 7.68 -5.06 -10.75
CA GLN B 101 7.74 -6.39 -11.20
C GLN B 101 7.77 -6.54 -12.77
N MET B 102 6.79 -5.94 -13.41
CA MET B 102 6.72 -5.94 -14.86
C MET B 102 8.00 -5.33 -15.49
N GLY B 103 8.49 -4.19 -14.98
CA GLY B 103 9.75 -3.65 -15.54
C GLY B 103 10.89 -4.71 -15.48
N TYR B 104 11.03 -5.42 -14.34
CA TYR B 104 12.15 -6.39 -14.29
C TYR B 104 11.88 -7.66 -15.13
N ALA B 105 10.58 -8.07 -15.26
CA ALA B 105 10.13 -9.13 -16.16
C ALA B 105 10.44 -8.70 -17.62
N ASN B 106 10.21 -7.44 -17.97
CA ASN B 106 10.52 -6.99 -19.37
C ASN B 106 12.03 -6.97 -19.61
N LYS B 107 12.74 -6.53 -18.58
CA LYS B 107 14.15 -6.52 -18.67
C LYS B 107 14.75 -7.96 -18.66
N SER B 108 14.11 -8.89 -17.94
CA SER B 108 14.58 -10.28 -17.97
C SER B 108 14.35 -10.93 -19.34
N LEU B 109 13.56 -10.31 -20.22
CA LEU B 109 13.32 -10.82 -21.58
C LEU B 109 14.12 -10.14 -22.71
N ASN B 110 14.58 -8.93 -22.44
CA ASN B 110 15.34 -8.16 -23.36
C ASN B 110 16.24 -7.32 -22.46
N HIS B 111 17.51 -7.70 -22.34
CA HIS B 111 18.40 -7.15 -21.34
C HIS B 111 18.76 -5.68 -21.44
N GLU B 112 18.50 -4.99 -22.54
CA GLU B 112 18.91 -3.60 -22.53
C GLU B 112 17.69 -2.72 -22.18
N LEU B 113 16.57 -3.34 -21.83
CA LEU B 113 15.29 -2.56 -21.88
C LEU B 113 15.07 -1.96 -20.50
N GLU B 114 14.90 -0.63 -20.38
CA GLU B 114 14.51 0.08 -19.15
C GLU B 114 13.03 0.50 -19.22
N THR B 115 12.42 0.67 -18.06
CA THR B 115 11.11 1.20 -17.95
C THR B 115 11.21 2.53 -17.24
N LEU B 116 10.67 3.51 -17.93
CA LEU B 116 10.62 4.90 -17.42
C LEU B 116 9.18 5.30 -17.11
N TYR B 117 8.93 6.04 -16.05
CA TYR B 117 7.53 6.37 -15.65
C TYR B 117 7.25 7.88 -15.71
N PHE B 118 6.10 8.28 -16.23
CA PHE B 118 5.67 9.70 -16.25
C PHE B 118 4.42 9.78 -15.44
N MET B 119 4.09 11.00 -15.04
CA MET B 119 2.84 11.23 -14.31
C MET B 119 1.87 12.02 -15.27
N PRO B 120 0.55 11.79 -15.12
CA PRO B 120 -0.45 12.62 -15.78
C PRO B 120 -0.68 13.97 -15.09
N THR B 121 -1.48 14.84 -15.65
CA THR B 121 -1.88 16.06 -14.91
C THR B 121 -2.60 15.57 -13.68
N LEU B 122 -2.60 16.44 -12.68
CA LEU B 122 -3.22 16.04 -11.41
C LEU B 122 -4.71 15.71 -11.52
N GLN B 123 -5.42 16.51 -12.32
CA GLN B 123 -6.92 16.31 -12.48
C GLN B 123 -7.18 14.98 -13.08
N ASN B 124 -6.24 14.40 -13.86
CA ASN B 124 -6.49 13.14 -14.53
C ASN B 124 -5.87 11.88 -13.81
N ALA B 125 -5.26 12.09 -12.65
CA ALA B 125 -4.46 11.11 -11.99
C ALA B 125 -5.40 10.09 -11.37
N PHE B 126 -6.70 10.41 -11.36
CA PHE B 126 -7.71 9.50 -10.84
C PHE B 126 -8.53 8.84 -11.93
N ILE B 127 -8.20 9.00 -13.23
CA ILE B 127 -9.04 8.43 -14.27
C ILE B 127 -8.56 6.99 -14.55
N SER B 128 -9.44 6.01 -14.53
CA SER B 128 -8.98 4.72 -15.04
C SER B 128 -9.93 4.26 -16.11
N SER B 129 -9.45 3.32 -16.95
CA SER B 129 -10.23 2.88 -18.11
C SER B 129 -11.45 2.03 -17.54
N SER B 130 -11.17 1.32 -16.47
CA SER B 130 -12.13 0.45 -15.73
C SER B 130 -13.40 1.25 -15.35
N ILE B 131 -13.20 2.47 -14.90
CA ILE B 131 -14.27 3.29 -14.55
C ILE B 131 -14.96 3.90 -15.71
N VAL B 132 -14.22 4.34 -16.76
CA VAL B 132 -14.87 4.69 -18.00
C VAL B 132 -15.79 3.57 -18.48
N ARG B 133 -15.26 2.35 -18.58
CA ARG B 133 -16.07 1.19 -19.03
C ARG B 133 -17.33 1.01 -18.20
N SER B 134 -17.23 1.16 -16.91
CA SER B 134 -18.42 1.00 -16.04
C SER B 134 -19.44 2.10 -16.33
N ILE B 135 -18.97 3.32 -16.53
CA ILE B 135 -19.82 4.36 -16.92
C ILE B 135 -20.53 4.09 -18.22
N ILE B 136 -19.82 3.82 -19.30
CA ILE B 136 -20.52 3.62 -20.49
C ILE B 136 -21.37 2.33 -20.50
N ALA B 137 -20.94 1.26 -19.81
CA ALA B 137 -21.78 0.04 -19.66
C ALA B 137 -23.18 0.36 -19.09
N HIS B 138 -23.23 1.39 -18.26
CA HIS B 138 -24.43 1.74 -17.50
C HIS B 138 -25.16 2.89 -18.13
N LYS B 139 -24.94 3.04 -19.43
CA LYS B 139 -25.20 4.19 -20.34
C LYS B 139 -25.20 5.53 -19.66
N GLY B 140 -24.21 5.77 -18.84
CA GLY B 140 -23.87 7.07 -18.36
C GLY B 140 -22.91 7.78 -19.32
N ASP B 141 -22.58 9.01 -18.96
CA ASP B 141 -21.84 9.92 -19.81
C ASP B 141 -20.42 10.01 -19.25
N ALA B 142 -19.46 9.51 -20.03
CA ALA B 142 -18.04 9.51 -19.68
C ALA B 142 -17.29 10.46 -20.59
N SER B 143 -17.99 11.42 -21.19
CA SER B 143 -17.39 12.32 -22.12
C SER B 143 -16.38 13.24 -21.46
N HIS B 144 -16.42 13.41 -20.13
CA HIS B 144 -15.42 14.28 -19.46
C HIS B 144 -14.14 13.54 -19.18
N LEU B 145 -14.11 12.25 -19.49
CA LEU B 145 -13.05 11.32 -19.11
C LEU B 145 -12.17 10.87 -20.31
N VAL B 146 -12.64 11.11 -21.52
CA VAL B 146 -11.94 10.53 -22.71
C VAL B 146 -11.88 11.67 -23.76
N PRO B 147 -10.93 11.59 -24.66
CA PRO B 147 -10.77 12.74 -25.61
C PRO B 147 -12.00 12.89 -26.50
N LYS B 148 -12.50 14.12 -26.64
CA LYS B 148 -13.60 14.48 -27.60
C LYS B 148 -13.62 13.70 -28.89
N GLU B 149 -12.47 13.50 -29.55
CA GLU B 149 -12.52 12.77 -30.85
C GLU B 149 -12.81 11.27 -30.79
N ILE B 150 -12.89 10.67 -29.60
CA ILE B 150 -13.29 9.28 -29.61
C ILE B 150 -14.74 9.10 -29.15
N TYR B 151 -15.32 10.16 -28.56
CA TYR B 151 -16.62 9.99 -27.88
C TYR B 151 -17.69 9.28 -28.74
N PRO B 152 -17.82 9.67 -30.00
CA PRO B 152 -18.88 9.05 -30.78
C PRO B 152 -18.62 7.56 -31.04
N LEU B 153 -17.36 7.15 -31.06
CA LEU B 153 -17.05 5.74 -31.25
C LEU B 153 -17.34 4.92 -30.00
N ILE B 154 -17.51 5.56 -28.86
CA ILE B 154 -17.82 4.85 -27.65
C ILE B 154 -19.26 4.98 -27.16
N SER B 155 -20.01 5.97 -27.68
CA SER B 155 -21.47 6.05 -27.43
C SER B 155 -22.29 5.00 -28.23
N MET C 1 4.51 -29.27 16.76
CA MET C 1 4.15 -28.12 15.79
C MET C 1 4.93 -28.30 14.50
N GLN C 2 6.20 -28.72 14.64
CA GLN C 2 7.13 -28.95 13.52
C GLN C 2 6.87 -30.31 12.77
N LYS C 3 5.91 -31.07 13.26
CA LYS C 3 5.67 -32.42 12.67
C LYS C 3 5.28 -32.32 11.22
N ILE C 4 4.39 -31.36 10.90
CA ILE C 4 3.88 -31.22 9.51
C ILE C 4 3.42 -29.79 9.24
N GLY C 5 3.80 -29.30 8.07
CA GLY C 5 3.39 -27.99 7.52
C GLY C 5 2.67 -28.20 6.17
N ILE C 6 1.62 -27.43 5.95
CA ILE C 6 1.02 -27.36 4.58
C ILE C 6 1.31 -26.07 3.86
N TYR C 7 1.96 -26.19 2.71
CA TYR C 7 2.10 -25.04 1.75
C TYR C 7 1.14 -25.15 0.60
N ALA C 8 0.06 -24.35 0.64
CA ALA C 8 -1.06 -24.59 -0.34
C ALA C 8 -0.94 -23.49 -1.40
N GLY C 9 -1.36 -23.82 -2.62
CA GLY C 9 -1.36 -22.73 -3.60
C GLY C 9 -2.04 -23.31 -4.80
N THR C 10 -2.16 -22.47 -5.78
CA THR C 10 -2.68 -22.79 -7.07
C THR C 10 -1.52 -23.28 -7.95
N PHE C 11 -0.33 -22.67 -7.84
CA PHE C 11 0.84 -23.13 -8.58
C PHE C 11 0.59 -23.32 -10.07
N ASP C 12 0.32 -22.22 -10.74
CA ASP C 12 -0.14 -22.21 -12.15
C ASP C 12 0.74 -21.36 -13.06
N PRO C 13 1.95 -21.81 -13.39
CA PRO C 13 2.58 -23.06 -12.94
C PRO C 13 3.48 -22.79 -11.73
N VAL C 14 4.08 -23.85 -11.17
CA VAL C 14 5.11 -23.65 -10.13
C VAL C 14 6.30 -22.77 -10.69
N THR C 15 6.81 -21.85 -9.91
CA THR C 15 7.91 -21.00 -10.34
C THR C 15 9.11 -21.14 -9.43
N ASN C 16 10.23 -20.46 -9.72
CA ASN C 16 11.42 -20.42 -8.86
C ASN C 16 11.12 -19.90 -7.44
N GLY C 17 10.11 -19.04 -7.37
CA GLY C 17 9.80 -18.41 -6.04
C GLY C 17 9.17 -19.44 -5.13
N HIS C 18 8.21 -20.20 -5.66
CA HIS C 18 7.60 -21.31 -4.91
C HIS C 18 8.61 -22.29 -4.43
N ILE C 19 9.55 -22.68 -5.28
CA ILE C 19 10.62 -23.57 -4.90
C ILE C 19 11.44 -23.03 -3.74
N ASP C 20 11.73 -21.72 -3.69
CA ASP C 20 12.54 -21.22 -2.58
C ASP C 20 11.76 -21.38 -1.23
N ILE C 21 10.43 -21.11 -1.27
CA ILE C 21 9.57 -21.32 -0.08
C ILE C 21 9.60 -22.81 0.29
N ILE C 22 9.48 -23.71 -0.67
CA ILE C 22 9.45 -25.15 -0.32
C ILE C 22 10.79 -25.52 0.31
N HIS C 23 11.87 -25.00 -0.30
CA HIS C 23 13.29 -25.25 0.14
C HIS C 23 13.49 -24.82 1.60
N ARG C 24 13.11 -23.56 1.90
CA ARG C 24 13.18 -23.22 3.33
C ARG C 24 12.13 -23.77 4.34
N SER C 25 10.80 -23.82 4.04
CA SER C 25 9.88 -24.39 4.98
C SER C 25 10.17 -25.82 5.18
N SER C 26 10.75 -26.46 4.17
CA SER C 26 10.88 -27.96 4.37
C SER C 26 11.97 -28.25 5.40
N GLU C 27 12.72 -27.21 5.77
CA GLU C 27 13.74 -27.36 6.78
C GLU C 27 13.12 -27.36 8.14
N LEU C 28 12.08 -26.54 8.32
CA LEU C 28 11.45 -26.39 9.61
C LEU C 28 10.49 -27.55 10.00
N PHE C 29 9.77 -28.06 9.02
CA PHE C 29 8.83 -29.13 9.28
C PHE C 29 9.44 -30.52 8.96
N GLU C 30 9.17 -31.50 9.81
CA GLU C 30 9.60 -32.94 9.49
C GLU C 30 8.93 -33.38 8.19
N LYS C 31 7.62 -33.13 8.02
CA LYS C 31 7.00 -33.34 6.71
C LYS C 31 6.37 -32.03 6.12
N LEU C 32 6.59 -31.70 4.84
CA LEU C 32 5.96 -30.59 4.22
C LEU C 32 5.00 -31.08 3.15
N ILE C 33 3.71 -30.84 3.33
CA ILE C 33 2.75 -31.13 2.24
C ILE C 33 2.66 -29.89 1.35
N VAL C 34 2.83 -30.08 0.05
CA VAL C 34 2.57 -28.98 -0.97
C VAL C 34 1.17 -29.32 -1.52
N ALA C 35 0.13 -28.55 -1.13
CA ALA C 35 -1.26 -28.87 -1.47
C ALA C 35 -1.66 -28.02 -2.66
N VAL C 36 -1.93 -28.67 -3.80
CA VAL C 36 -2.23 -27.93 -5.04
C VAL C 36 -3.77 -27.84 -5.09
N ALA C 37 -4.29 -26.60 -5.01
CA ALA C 37 -5.74 -26.41 -4.90
C ALA C 37 -6.29 -26.45 -6.32
N HIS C 38 -7.45 -27.05 -6.46
CA HIS C 38 -8.16 -27.01 -7.73
C HIS C 38 -8.31 -25.57 -8.25
N SER C 39 -8.78 -24.61 -7.42
CA SER C 39 -8.93 -23.14 -7.79
C SER C 39 -9.66 -22.88 -9.17
N SER C 40 -10.69 -23.68 -9.41
CA SER C 40 -11.38 -23.66 -10.74
C SER C 40 -11.88 -22.22 -10.92
N ALA C 41 -12.27 -21.57 -9.80
CA ALA C 41 -12.80 -20.20 -9.85
C ALA C 41 -11.77 -19.17 -10.39
N LYS C 42 -10.47 -19.36 -10.11
CA LYS C 42 -9.47 -18.60 -10.78
C LYS C 42 -9.58 -19.29 -12.09
N ASN C 43 -8.87 -19.00 -13.13
CA ASN C 43 -9.30 -20.00 -14.15
C ASN C 43 -8.05 -20.59 -14.64
N PRO C 44 -7.53 -21.59 -13.91
CA PRO C 44 -6.05 -21.78 -14.12
C PRO C 44 -5.70 -22.03 -15.58
N MET C 45 -4.54 -21.55 -16.04
CA MET C 45 -4.04 -21.96 -17.33
C MET C 45 -3.83 -23.46 -17.42
N PHE C 46 -3.15 -24.08 -16.45
CA PHE C 46 -2.87 -25.53 -16.52
C PHE C 46 -3.86 -26.28 -15.68
N SER C 47 -4.26 -27.48 -16.07
CA SER C 47 -5.20 -28.25 -15.31
C SER C 47 -4.60 -28.70 -13.95
N LEU C 48 -5.46 -29.22 -13.08
CA LEU C 48 -5.11 -29.66 -11.73
C LEU C 48 -4.11 -30.79 -11.85
N ASP C 49 -4.35 -31.67 -12.83
CA ASP C 49 -3.43 -32.80 -12.96
C ASP C 49 -2.10 -32.33 -13.53
N GLU C 50 -2.14 -31.36 -14.46
CA GLU C 50 -0.87 -30.90 -14.99
C GLU C 50 -0.06 -30.14 -13.92
N ARG C 51 -0.77 -29.30 -13.18
CA ARG C 51 -0.08 -28.49 -12.12
C ARG C 51 0.51 -29.40 -11.04
N LEU C 52 -0.23 -30.45 -10.60
CA LEU C 52 0.28 -31.45 -9.59
C LEU C 52 1.59 -32.09 -10.10
N LYS C 53 1.52 -32.54 -11.36
CA LYS C 53 2.66 -33.19 -12.06
C LYS C 53 3.91 -32.34 -12.17
N MET C 54 3.74 -31.07 -12.61
CA MET C 54 4.87 -30.14 -12.65
C MET C 54 5.51 -30.02 -11.27
N ILE C 55 4.69 -29.87 -10.27
CA ILE C 55 5.22 -29.54 -8.95
C ILE C 55 5.83 -30.82 -8.30
N GLN C 56 5.24 -31.99 -8.55
CA GLN C 56 5.93 -33.23 -8.14
C GLN C 56 7.35 -33.30 -8.77
N LEU C 57 7.45 -33.06 -10.08
CA LEU C 57 8.77 -33.06 -10.81
C LEU C 57 9.73 -32.09 -10.21
N ALA C 58 9.28 -30.84 -9.95
CA ALA C 58 10.16 -29.82 -9.48
C ALA C 58 10.59 -30.03 -7.99
N THR C 59 9.88 -30.89 -7.28
CA THR C 59 10.20 -31.10 -5.85
C THR C 59 10.77 -32.48 -5.49
N LYS C 60 11.16 -33.28 -6.49
CA LYS C 60 11.84 -34.55 -6.19
C LYS C 60 13.02 -34.49 -5.27
N SER C 61 13.86 -33.46 -5.41
CA SER C 61 15.04 -33.38 -4.57
C SER C 61 14.76 -33.14 -3.10
N PHE C 62 13.52 -32.82 -2.75
CA PHE C 62 13.23 -32.62 -1.32
C PHE C 62 12.63 -33.88 -0.77
N LYS C 63 13.34 -34.45 0.16
CA LYS C 63 12.98 -35.84 0.52
C LYS C 63 11.78 -35.91 1.40
N ASN C 64 11.52 -34.83 2.15
CA ASN C 64 10.35 -34.82 2.99
C ASN C 64 9.15 -34.03 2.48
N VAL C 65 9.11 -33.72 1.19
CA VAL C 65 7.99 -33.01 0.63
C VAL C 65 7.13 -33.97 -0.10
N GLU C 66 5.82 -33.90 0.13
CA GLU C 66 4.89 -34.66 -0.68
C GLU C 66 3.85 -33.68 -1.26
N CYS C 67 3.56 -33.81 -2.52
CA CYS C 67 2.59 -32.98 -3.17
C CYS C 67 1.32 -33.73 -3.35
N VAL C 68 0.16 -33.07 -3.03
CA VAL C 68 -1.21 -33.61 -3.21
C VAL C 68 -2.07 -32.56 -3.91
N ALA C 69 -3.14 -33.02 -4.52
CA ALA C 69 -4.13 -32.07 -5.12
C ALA C 69 -5.31 -32.16 -4.18
N PHE C 70 -6.11 -31.11 -4.06
CA PHE C 70 -7.24 -31.14 -3.16
C PHE C 70 -8.32 -30.16 -3.68
N GLU C 71 -9.59 -30.46 -3.39
CA GLU C 71 -10.69 -29.76 -4.00
C GLU C 71 -11.47 -29.05 -2.95
N GLY C 72 -11.23 -29.36 -1.67
CA GLY C 72 -12.09 -28.83 -0.61
C GLY C 72 -11.45 -27.60 0.07
N LEU C 73 -11.90 -27.33 1.30
CA LEU C 73 -11.42 -26.21 2.09
C LEU C 73 -10.07 -26.57 2.70
N LEU C 74 -9.16 -25.61 2.71
CA LEU C 74 -7.80 -25.85 3.15
C LEU C 74 -7.80 -26.12 4.66
N ALA C 75 -8.70 -25.46 5.39
CA ALA C 75 -8.70 -25.62 6.81
C ALA C 75 -9.06 -27.07 7.20
N ASN C 76 -9.96 -27.67 6.44
CA ASN C 76 -10.33 -29.08 6.70
C ASN C 76 -9.27 -30.05 6.28
N LEU C 77 -8.65 -29.77 5.17
CA LEU C 77 -7.42 -30.53 4.79
C LEU C 77 -6.42 -30.61 5.90
N ALA C 78 -6.13 -29.45 6.54
CA ALA C 78 -5.10 -29.39 7.60
C ALA C 78 -5.53 -30.31 8.75
N LYS C 79 -6.84 -30.26 9.02
CA LYS C 79 -7.44 -31.05 10.12
C LYS C 79 -7.22 -32.56 9.77
N GLU C 80 -7.29 -32.90 8.52
CA GLU C 80 -7.04 -34.31 8.11
C GLU C 80 -5.66 -34.77 8.31
N TYR C 81 -4.71 -33.87 8.07
CA TYR C 81 -3.28 -34.16 8.19
C TYR C 81 -2.81 -33.93 9.61
N HIS C 82 -3.70 -33.54 10.54
CA HIS C 82 -3.27 -33.17 11.91
C HIS C 82 -2.28 -31.96 11.87
N CYS C 83 -2.45 -31.08 10.90
CA CYS C 83 -1.50 -30.00 10.72
C CYS C 83 -2.02 -28.72 11.42
N LYS C 84 -1.13 -28.03 12.13
CA LYS C 84 -1.41 -26.86 12.90
C LYS C 84 -0.73 -25.58 12.27
N VAL C 85 0.00 -25.76 11.17
CA VAL C 85 0.69 -24.64 10.43
C VAL C 85 0.50 -24.64 8.94
N LEU C 86 -0.05 -23.52 8.43
CA LEU C 86 -0.08 -23.23 6.97
C LEU C 86 1.15 -22.42 6.70
N VAL C 87 1.77 -22.70 5.56
CA VAL C 87 2.97 -22.01 5.18
C VAL C 87 2.54 -21.09 4.04
N ARG C 88 2.98 -19.82 4.04
CA ARG C 88 2.73 -18.96 2.89
C ARG C 88 4.07 -18.26 2.47
N GLY C 89 4.17 -17.86 1.21
CA GLY C 89 5.36 -17.14 0.82
C GLY C 89 5.01 -15.68 0.71
N LEU C 90 5.94 -14.80 1.05
CA LEU C 90 5.70 -13.31 0.98
C LEU C 90 6.70 -12.79 -0.02
N ARG C 91 6.18 -12.05 -1.00
CA ARG C 91 7.07 -11.44 -1.96
C ARG C 91 6.69 -10.00 -2.29
N VAL C 92 7.35 -9.41 -3.26
CA VAL C 92 7.10 -7.98 -3.55
C VAL C 92 5.62 -7.61 -3.84
N VAL C 93 4.93 -8.41 -4.64
CA VAL C 93 3.59 -7.99 -5.07
C VAL C 93 2.57 -8.77 -4.22
N SER C 94 3.01 -9.31 -3.06
CA SER C 94 2.10 -9.98 -2.09
C SER C 94 1.01 -8.99 -1.65
N ASP C 95 -0.26 -9.41 -1.66
CA ASP C 95 -1.33 -8.49 -1.11
C ASP C 95 -1.36 -8.77 0.36
N PHE C 96 -0.59 -7.99 1.09
CA PHE C 96 -0.27 -8.30 2.46
C PHE C 96 -1.52 -8.39 3.39
N GLU C 97 -2.45 -7.49 3.17
CA GLU C 97 -3.65 -7.40 3.98
C GLU C 97 -4.55 -8.63 3.67
N TYR C 98 -4.59 -9.04 2.41
CA TYR C 98 -5.29 -10.24 2.07
C TYR C 98 -4.69 -11.53 2.69
N GLU C 99 -3.35 -11.63 2.75
CA GLU C 99 -2.69 -12.71 3.51
C GLU C 99 -3.15 -12.70 4.95
N LEU C 100 -3.13 -11.55 5.63
CA LEU C 100 -3.58 -11.51 7.03
C LEU C 100 -5.09 -11.96 7.07
N GLN C 101 -5.90 -11.44 6.17
CA GLN C 101 -7.31 -11.78 6.20
C GLN C 101 -7.54 -13.33 6.06
N MET C 102 -6.86 -13.95 5.11
CA MET C 102 -6.98 -15.35 4.86
C MET C 102 -6.43 -16.15 6.09
N GLY C 103 -5.32 -15.72 6.67
CA GLY C 103 -4.76 -16.37 7.95
C GLY C 103 -5.81 -16.38 9.09
N TYR C 104 -6.45 -15.23 9.27
CA TYR C 104 -7.55 -15.20 10.33
C TYR C 104 -8.71 -16.01 9.89
N ALA C 105 -9.04 -15.98 8.58
CA ALA C 105 -10.21 -16.79 8.20
C ALA C 105 -9.94 -18.27 8.39
N ASN C 106 -8.78 -18.76 7.93
CA ASN C 106 -8.41 -20.15 8.20
C ASN C 106 -8.38 -20.49 9.70
N LYS C 107 -7.87 -19.58 10.53
CA LYS C 107 -7.97 -19.86 11.95
C LYS C 107 -9.41 -19.90 12.54
N SER C 108 -10.33 -19.13 11.95
CA SER C 108 -11.71 -19.13 12.38
C SER C 108 -12.45 -20.42 11.95
N LEU C 109 -12.02 -21.01 10.82
CA LEU C 109 -12.40 -22.34 10.39
C LEU C 109 -11.72 -23.52 11.13
N ASN C 110 -10.61 -23.28 11.82
CA ASN C 110 -9.91 -24.38 12.50
C ASN C 110 -9.02 -23.72 13.57
N HIS C 111 -9.44 -23.82 14.85
CA HIS C 111 -8.91 -23.01 15.88
C HIS C 111 -7.52 -23.34 16.21
N GLU C 112 -7.02 -24.46 15.70
CA GLU C 112 -5.65 -24.94 15.91
C GLU C 112 -4.71 -24.34 14.88
N LEU C 113 -5.20 -23.70 13.82
CA LEU C 113 -4.39 -23.58 12.63
C LEU C 113 -3.73 -22.20 12.47
N GLU C 114 -2.42 -22.19 12.55
CA GLU C 114 -1.61 -20.98 12.47
C GLU C 114 -1.20 -20.77 11.05
N THR C 115 -0.81 -19.52 10.74
CA THR C 115 -0.15 -19.26 9.38
C THR C 115 1.20 -18.67 9.64
N LEU C 116 2.20 -19.20 8.99
CA LEU C 116 3.59 -18.75 9.02
C LEU C 116 4.12 -18.33 7.68
N TYR C 117 4.89 -17.26 7.65
CA TYR C 117 5.31 -16.79 6.32
C TYR C 117 6.81 -16.82 6.17
N PHE C 118 7.28 -17.30 4.99
CA PHE C 118 8.63 -17.29 4.51
C PHE C 118 8.89 -16.29 3.38
N MET C 119 10.18 -16.04 3.08
CA MET C 119 10.53 -15.21 1.93
C MET C 119 11.35 -15.99 0.98
N PRO C 120 11.23 -15.67 -0.29
CA PRO C 120 12.05 -16.30 -1.25
C PRO C 120 13.41 -15.65 -1.34
N THR C 121 14.24 -16.09 -2.25
CA THR C 121 15.50 -15.41 -2.42
C THR C 121 15.21 -14.06 -3.07
N LEU C 122 16.10 -13.09 -2.89
CA LEU C 122 15.82 -11.72 -3.44
C LEU C 122 15.62 -11.76 -4.99
N GLN C 123 16.44 -12.58 -5.70
CA GLN C 123 16.31 -12.60 -7.16
C GLN C 123 14.93 -13.06 -7.53
N ASN C 124 14.30 -13.88 -6.70
CA ASN C 124 13.03 -14.52 -7.08
C ASN C 124 11.86 -13.77 -6.41
N ALA C 125 12.19 -12.75 -5.62
CA ALA C 125 11.12 -11.94 -5.02
C ALA C 125 10.18 -11.24 -5.97
N PHE C 126 10.55 -11.04 -7.24
CA PHE C 126 9.62 -10.40 -8.20
C PHE C 126 9.04 -11.40 -9.18
N ILE C 127 9.08 -12.71 -8.87
CA ILE C 127 8.51 -13.63 -9.82
C ILE C 127 7.08 -13.83 -9.43
N SER C 128 6.15 -13.58 -10.36
CA SER C 128 4.79 -14.10 -10.12
C SER C 128 4.35 -15.11 -11.21
N SER C 129 3.43 -15.97 -10.82
CA SER C 129 2.78 -16.85 -11.75
C SER C 129 2.08 -16.16 -12.93
N SER C 130 1.39 -15.09 -12.67
CA SER C 130 0.74 -14.44 -13.78
C SER C 130 1.71 -13.82 -14.83
N ILE C 131 2.92 -13.41 -14.46
CA ILE C 131 3.90 -13.01 -15.49
C ILE C 131 4.34 -14.17 -16.37
N VAL C 132 4.74 -15.27 -15.74
CA VAL C 132 5.00 -16.51 -16.38
C VAL C 132 3.88 -16.85 -17.37
N ARG C 133 2.64 -16.76 -16.94
CA ARG C 133 1.59 -17.18 -17.84
C ARG C 133 1.55 -16.22 -19.04
N SER C 134 1.60 -14.93 -18.78
CA SER C 134 1.65 -13.93 -19.81
C SER C 134 2.82 -14.19 -20.83
N ILE C 135 4.01 -14.52 -20.29
CA ILE C 135 5.10 -14.90 -21.16
C ILE C 135 4.80 -16.12 -22.02
N ILE C 136 4.33 -17.20 -21.39
CA ILE C 136 4.02 -18.41 -22.12
C ILE C 136 3.05 -18.07 -23.21
N ALA C 137 1.94 -17.42 -22.80
CA ALA C 137 0.78 -17.24 -23.67
C ALA C 137 1.14 -16.39 -24.92
N HIS C 138 2.09 -15.45 -24.78
CA HIS C 138 2.57 -14.72 -25.95
C HIS C 138 3.79 -15.42 -26.52
N LYS C 139 3.89 -16.77 -26.32
CA LYS C 139 4.98 -17.68 -26.82
C LYS C 139 6.45 -17.31 -26.49
N GLY C 140 6.68 -16.62 -25.39
CA GLY C 140 8.01 -16.19 -25.04
C GLY C 140 8.63 -17.31 -24.22
N ASP C 141 9.85 -17.07 -23.80
CA ASP C 141 10.66 -18.02 -23.09
C ASP C 141 10.67 -17.59 -21.60
N ALA C 142 10.13 -18.49 -20.76
CA ALA C 142 10.01 -18.22 -19.28
C ALA C 142 10.88 -19.19 -18.52
N SER C 143 11.82 -19.83 -19.21
CA SER C 143 12.61 -20.89 -18.56
C SER C 143 13.53 -20.31 -17.48
N HIS C 144 13.77 -18.99 -17.44
CA HIS C 144 14.65 -18.50 -16.37
C HIS C 144 13.81 -18.25 -15.09
N LEU C 145 12.53 -18.49 -15.18
CA LEU C 145 11.57 -18.13 -14.14
C LEU C 145 11.00 -19.33 -13.39
N VAL C 146 11.06 -20.53 -14.00
CA VAL C 146 10.38 -21.72 -13.48
C VAL C 146 11.42 -22.86 -13.39
N PRO C 147 11.23 -23.92 -12.56
CA PRO C 147 12.31 -24.91 -12.52
C PRO C 147 12.57 -25.51 -13.93
N LYS C 148 13.83 -25.63 -14.33
CA LYS C 148 14.12 -26.25 -15.64
C LYS C 148 13.42 -27.60 -15.84
N GLU C 149 13.19 -28.37 -14.80
CA GLU C 149 12.56 -29.70 -15.04
C GLU C 149 11.08 -29.70 -15.40
N ILE C 150 10.43 -28.53 -15.43
CA ILE C 150 9.06 -28.54 -15.87
C ILE C 150 9.00 -27.87 -17.21
N TYR C 151 10.12 -27.35 -17.68
CA TYR C 151 9.99 -26.57 -18.87
C TYR C 151 9.34 -27.34 -20.07
N PRO C 152 9.77 -28.59 -20.35
CA PRO C 152 9.18 -29.33 -21.50
C PRO C 152 7.70 -29.59 -21.36
N LEU C 153 7.16 -29.53 -20.15
CA LEU C 153 5.71 -29.64 -19.98
C LEU C 153 5.00 -28.35 -20.36
N ILE C 154 5.42 -27.21 -19.81
CA ILE C 154 4.85 -25.90 -20.15
C ILE C 154 5.27 -25.29 -21.52
N SER C 155 6.18 -25.93 -22.24
CA SER C 155 6.67 -25.34 -23.53
C SER C 155 5.70 -25.34 -24.75
N MET D 1 -25.49 11.30 17.44
CA MET D 1 -24.48 11.29 16.38
C MET D 1 -24.61 12.54 15.49
N GLN D 2 -25.80 13.10 15.44
CA GLN D 2 -26.02 14.07 14.39
C GLN D 2 -25.61 15.41 14.88
N LYS D 3 -25.53 15.56 16.20
CA LYS D 3 -25.39 16.92 16.69
C LYS D 3 -24.02 17.59 16.84
N ILE D 4 -22.95 16.78 16.89
CA ILE D 4 -21.62 17.37 17.11
C ILE D 4 -20.56 16.37 16.53
N GLY D 5 -19.64 16.84 15.72
CA GLY D 5 -18.48 16.06 15.42
C GLY D 5 -17.19 16.82 15.72
N ILE D 6 -16.11 16.13 16.11
CA ILE D 6 -14.86 16.82 16.33
C ILE D 6 -13.86 16.49 15.20
N TYR D 7 -13.33 17.48 14.52
CA TYR D 7 -12.30 17.27 13.51
C TYR D 7 -10.96 17.69 14.17
N ALA D 8 -10.14 16.71 14.53
CA ALA D 8 -8.96 17.02 15.35
C ALA D 8 -7.81 16.95 14.41
N GLY D 9 -6.74 17.74 14.70
CA GLY D 9 -5.53 17.70 13.93
C GLY D 9 -4.45 18.57 14.52
N THR D 10 -3.22 18.38 14.04
CA THR D 10 -2.11 19.33 14.36
C THR D 10 -2.26 20.68 13.64
N PHE D 11 -2.77 20.64 12.40
CA PHE D 11 -2.94 21.88 11.60
C PHE D 11 -1.71 22.76 11.57
N ASP D 12 -0.59 22.22 11.09
CA ASP D 12 0.69 22.97 11.17
C ASP D 12 1.27 23.30 9.77
N PRO D 13 0.75 24.27 9.09
CA PRO D 13 -0.34 25.18 9.30
C PRO D 13 -1.63 24.48 8.76
N VAL D 14 -2.75 25.14 8.91
CA VAL D 14 -3.96 24.66 8.23
C VAL D 14 -3.77 24.82 6.69
N THR D 15 -4.28 23.91 5.90
CA THR D 15 -4.16 24.01 4.44
C THR D 15 -5.51 24.04 3.74
N ASN D 16 -5.50 24.25 2.41
CA ASN D 16 -6.74 24.19 1.65
C ASN D 16 -7.45 22.85 1.81
N GLY D 17 -6.66 21.78 2.05
CA GLY D 17 -7.26 20.42 2.22
C GLY D 17 -7.99 20.35 3.52
N HIS D 18 -7.41 20.95 4.57
CA HIS D 18 -8.11 20.96 5.87
C HIS D 18 -9.41 21.76 5.79
N ILE D 19 -9.33 22.88 5.08
CA ILE D 19 -10.58 23.67 4.93
C ILE D 19 -11.63 22.86 4.20
N ASP D 20 -11.25 22.18 3.10
CA ASP D 20 -12.20 21.27 2.44
C ASP D 20 -12.96 20.34 3.41
N ILE D 21 -12.22 19.63 4.28
CA ILE D 21 -12.85 18.74 5.21
C ILE D 21 -13.75 19.48 6.22
N ILE D 22 -13.29 20.63 6.69
CA ILE D 22 -14.19 21.45 7.61
C ILE D 22 -15.49 21.78 6.88
N HIS D 23 -15.32 22.23 5.65
CA HIS D 23 -16.51 22.62 4.85
C HIS D 23 -17.37 21.44 4.77
N ARG D 24 -16.82 20.32 4.36
CA ARG D 24 -17.69 19.14 4.12
C ARG D 24 -18.35 18.61 5.32
N SER D 25 -17.56 18.43 6.41
CA SER D 25 -18.06 17.81 7.62
C SER D 25 -19.02 18.72 8.39
N SER D 26 -18.76 20.03 8.36
CA SER D 26 -19.70 21.01 9.01
C SER D 26 -21.14 20.99 8.37
N GLU D 27 -21.30 20.30 7.23
CA GLU D 27 -22.61 20.19 6.60
C GLU D 27 -23.38 19.04 7.18
N LEU D 28 -22.66 18.15 7.89
CA LEU D 28 -23.20 16.92 8.32
C LEU D 28 -23.54 16.88 9.83
N PHE D 29 -23.05 17.82 10.64
CA PHE D 29 -23.28 17.84 12.10
C PHE D 29 -23.81 19.24 12.47
N GLU D 30 -24.61 19.33 13.52
CA GLU D 30 -25.23 20.64 13.89
C GLU D 30 -24.12 21.50 14.25
N LYS D 31 -23.18 20.91 15.01
CA LYS D 31 -21.96 21.61 15.40
C LYS D 31 -20.65 20.82 15.06
N LEU D 32 -19.65 21.53 14.51
CA LEU D 32 -18.33 20.90 14.27
C LEU D 32 -17.28 21.63 15.14
N ILE D 33 -16.67 20.90 15.98
CA ILE D 33 -15.56 21.38 16.71
C ILE D 33 -14.21 21.00 15.96
N VAL D 34 -13.44 21.99 15.59
CA VAL D 34 -12.12 21.83 15.01
C VAL D 34 -11.17 21.87 16.18
N ALA D 35 -10.59 20.72 16.50
CA ALA D 35 -9.79 20.71 17.72
C ALA D 35 -8.27 20.63 17.37
N VAL D 36 -7.54 21.68 17.71
CA VAL D 36 -6.09 21.75 17.41
C VAL D 36 -5.35 21.16 18.57
N ALA D 37 -4.68 20.02 18.32
CA ALA D 37 -4.01 19.34 19.39
C ALA D 37 -2.61 20.03 19.57
N HIS D 38 -2.15 20.12 20.79
CA HIS D 38 -0.69 20.49 21.00
C HIS D 38 0.24 19.77 20.11
N SER D 39 0.27 18.41 20.18
CA SER D 39 1.06 17.50 19.31
C SER D 39 2.57 17.93 19.45
N SER D 40 3.00 18.28 20.68
CA SER D 40 4.34 18.85 20.86
C SER D 40 5.41 17.79 20.42
N ALA D 41 5.05 16.49 20.56
CA ALA D 41 5.85 15.37 20.10
C ALA D 41 6.12 15.33 18.56
N LYS D 42 5.30 15.97 17.74
CA LYS D 42 5.74 16.21 16.38
C LYS D 42 6.61 17.44 16.56
N ASN D 43 7.19 18.00 15.57
CA ASN D 43 7.84 19.20 16.12
C ASN D 43 7.34 20.41 15.40
N PRO D 44 6.10 20.83 15.80
CA PRO D 44 5.28 21.68 14.87
C PRO D 44 6.07 22.90 14.56
N MET D 45 6.05 23.31 13.32
CA MET D 45 6.73 24.52 12.92
C MET D 45 6.09 25.67 13.62
N PHE D 46 4.76 25.68 13.67
CA PHE D 46 4.05 26.81 14.34
C PHE D 46 3.58 26.45 15.74
N SER D 47 3.53 27.44 16.61
CA SER D 47 3.18 27.22 18.02
C SER D 47 1.71 26.90 18.15
N LEU D 48 1.29 26.34 19.29
CA LEU D 48 -0.12 26.04 19.47
C LEU D 48 -0.96 27.31 19.30
N ASP D 49 -0.56 28.42 19.97
CA ASP D 49 -1.28 29.65 19.82
C ASP D 49 -1.33 30.06 18.40
N GLU D 50 -0.25 29.90 17.65
CA GLU D 50 -0.33 30.38 16.25
C GLU D 50 -1.29 29.46 15.44
N ARG D 51 -1.27 28.16 15.70
CA ARG D 51 -2.04 27.21 14.89
C ARG D 51 -3.54 27.42 15.17
N LEU D 52 -3.88 27.74 16.43
CA LEU D 52 -5.26 28.09 16.75
C LEU D 52 -5.70 29.37 16.12
N LYS D 53 -4.87 30.41 16.18
CA LYS D 53 -5.28 31.69 15.56
C LYS D 53 -5.49 31.52 14.06
N MET D 54 -4.61 30.72 13.47
CA MET D 54 -4.63 30.52 12.04
C MET D 54 -5.94 29.82 11.61
N ILE D 55 -6.31 28.81 12.35
CA ILE D 55 -7.45 28.05 11.96
C ILE D 55 -8.73 28.82 12.34
N GLN D 56 -8.59 29.65 13.35
CA GLN D 56 -9.74 30.56 13.70
C GLN D 56 -10.01 31.57 12.59
N LEU D 57 -8.96 32.17 12.03
CA LEU D 57 -9.13 33.14 10.97
C LEU D 57 -9.71 32.48 9.77
N ALA D 58 -9.22 31.27 9.43
CA ALA D 58 -9.61 30.68 8.18
C ALA D 58 -11.01 30.04 8.31
N THR D 59 -11.52 29.90 9.53
CA THR D 59 -12.85 29.37 9.68
C THR D 59 -13.96 30.39 10.11
N LYS D 60 -13.57 31.65 10.16
CA LYS D 60 -14.41 32.69 10.73
C LYS D 60 -15.78 32.74 10.06
N SER D 61 -15.85 32.43 8.76
CA SER D 61 -17.10 32.55 8.16
C SER D 61 -18.02 31.29 8.23
N PHE D 62 -17.62 30.16 8.84
CA PHE D 62 -18.53 29.00 8.94
C PHE D 62 -19.39 29.11 10.21
N LYS D 63 -20.73 28.99 10.07
CA LYS D 63 -21.62 29.37 11.17
C LYS D 63 -21.50 28.45 12.31
N ASN D 64 -21.38 27.14 12.00
CA ASN D 64 -21.44 26.12 13.05
C ASN D 64 -20.10 25.52 13.41
N VAL D 65 -19.05 26.25 13.19
CA VAL D 65 -17.72 25.69 13.39
C VAL D 65 -17.05 26.46 14.55
N GLU D 66 -16.54 25.75 15.53
CA GLU D 66 -15.92 26.38 16.62
C GLU D 66 -14.51 25.71 16.69
N CYS D 67 -13.46 26.47 16.93
CA CYS D 67 -12.12 25.98 17.01
C CYS D 67 -11.64 26.06 18.45
N VAL D 68 -10.91 25.04 18.89
CA VAL D 68 -10.36 24.93 20.29
C VAL D 68 -9.02 24.27 20.20
N ALA D 69 -8.11 24.59 21.15
CA ALA D 69 -6.84 23.90 21.32
C ALA D 69 -6.98 22.92 22.47
N PHE D 70 -6.25 21.78 22.47
CA PHE D 70 -6.36 20.85 23.56
C PHE D 70 -5.09 20.13 23.76
N GLU D 71 -4.88 19.62 24.98
CA GLU D 71 -3.64 19.01 25.41
C GLU D 71 -3.68 17.51 25.72
N GLY D 72 -4.83 17.03 26.01
CA GLY D 72 -4.91 15.68 26.46
C GLY D 72 -5.45 14.76 25.32
N LEU D 73 -6.05 13.68 25.75
CA LEU D 73 -6.44 12.60 24.80
C LEU D 73 -7.71 13.06 24.12
N LEU D 74 -7.69 12.91 22.84
CA LEU D 74 -8.91 13.18 22.07
C LEU D 74 -10.13 12.34 22.50
N ALA D 75 -9.93 11.12 22.91
CA ALA D 75 -11.09 10.41 23.36
C ALA D 75 -11.75 11.04 24.54
N ASN D 76 -10.94 11.52 25.52
CA ASN D 76 -11.51 12.35 26.65
C ASN D 76 -12.07 13.65 26.21
N LEU D 77 -11.41 14.40 25.27
CA LEU D 77 -12.07 15.59 24.79
C LEU D 77 -13.56 15.38 24.29
N ALA D 78 -13.79 14.31 23.48
CA ALA D 78 -15.11 13.95 22.86
C ALA D 78 -16.19 13.76 23.98
N LYS D 79 -15.76 13.03 25.00
CA LYS D 79 -16.55 12.71 26.21
C LYS D 79 -16.96 14.02 26.86
N GLU D 80 -16.01 14.94 27.01
CA GLU D 80 -16.36 16.29 27.55
C GLU D 80 -17.35 17.01 26.71
N TYR D 81 -17.32 16.78 25.38
CA TYR D 81 -18.32 17.45 24.54
C TYR D 81 -19.56 16.60 24.26
N HIS D 82 -19.80 15.49 24.97
CA HIS D 82 -20.90 14.61 24.63
C HIS D 82 -20.84 14.30 23.12
N CYS D 83 -19.62 14.06 22.61
CA CYS D 83 -19.47 13.84 21.16
C CYS D 83 -19.14 12.35 20.89
N LYS D 84 -19.88 11.69 19.97
CA LYS D 84 -19.59 10.29 19.61
C LYS D 84 -18.99 10.17 18.20
N VAL D 85 -18.70 11.29 17.51
CA VAL D 85 -18.12 11.25 16.20
C VAL D 85 -16.78 11.99 16.09
N LEU D 86 -15.73 11.25 15.71
CA LEU D 86 -14.50 11.91 15.27
C LEU D 86 -14.51 12.01 13.77
N VAL D 87 -14.03 13.14 13.27
CA VAL D 87 -14.01 13.38 11.83
C VAL D 87 -12.60 13.23 11.38
N ARG D 88 -12.32 12.49 10.27
CA ARG D 88 -10.95 12.60 9.65
C ARG D 88 -11.05 12.88 8.15
N GLY D 89 -9.95 13.31 7.52
CA GLY D 89 -9.94 13.62 6.13
C GLY D 89 -9.08 12.54 5.49
N LEU D 90 -9.53 11.99 4.37
CA LEU D 90 -8.79 10.93 3.71
C LEU D 90 -8.24 11.50 2.43
N ARG D 91 -6.95 11.34 2.19
CA ARG D 91 -6.40 11.96 0.98
C ARG D 91 -5.41 11.00 0.39
N VAL D 92 -4.72 11.48 -0.60
CA VAL D 92 -3.89 10.55 -1.40
C VAL D 92 -2.72 9.94 -0.61
N VAL D 93 -2.11 10.70 0.28
CA VAL D 93 -0.95 10.14 1.04
C VAL D 93 -1.41 9.66 2.38
N SER D 94 -2.72 9.55 2.58
CA SER D 94 -3.17 9.09 3.84
C SER D 94 -2.48 7.71 4.13
N ASP D 95 -2.14 7.51 5.40
CA ASP D 95 -1.71 6.13 5.83
C ASP D 95 -2.97 5.44 6.29
N PHE D 96 -3.54 4.70 5.42
CA PHE D 96 -4.89 4.24 5.63
C PHE D 96 -5.07 3.23 6.74
N GLU D 97 -4.11 2.35 6.87
CA GLU D 97 -4.15 1.43 7.93
C GLU D 97 -3.85 2.19 9.25
N TYR D 98 -2.94 3.13 9.27
CA TYR D 98 -2.78 3.86 10.54
C TYR D 98 -4.08 4.55 10.98
N GLU D 99 -4.86 5.09 10.04
CA GLU D 99 -6.26 5.66 10.29
C GLU D 99 -7.17 4.64 10.95
N LEU D 100 -7.21 3.43 10.39
CA LEU D 100 -8.01 2.46 11.08
C LEU D 100 -7.50 2.18 12.47
N GLN D 101 -6.18 2.05 12.62
CA GLN D 101 -5.61 1.72 13.87
C GLN D 101 -5.95 2.79 14.95
N MET D 102 -5.83 4.04 14.56
CA MET D 102 -6.20 5.16 15.42
C MET D 102 -7.68 5.19 15.78
N GLY D 103 -8.54 5.04 14.76
CA GLY D 103 -9.97 4.87 14.98
C GLY D 103 -10.34 3.81 16.12
N TYR D 104 -9.72 2.62 16.09
CA TYR D 104 -10.02 1.56 17.01
C TYR D 104 -9.35 1.86 18.35
N ALA D 105 -8.16 2.52 18.31
CA ALA D 105 -7.46 2.92 19.52
C ALA D 105 -8.36 3.99 20.24
N ASN D 106 -8.91 4.91 19.46
CA ASN D 106 -9.86 5.89 20.03
C ASN D 106 -11.12 5.23 20.67
N LYS D 107 -11.67 4.23 19.99
CA LYS D 107 -12.85 3.57 20.48
C LYS D 107 -12.54 2.75 21.75
N SER D 108 -11.34 2.20 21.79
CA SER D 108 -10.95 1.42 22.98
C SER D 108 -10.87 2.34 24.22
N LEU D 109 -10.60 3.63 24.02
CA LEU D 109 -10.53 4.62 25.10
C LEU D 109 -11.90 5.24 25.42
N ASN D 110 -12.83 5.24 24.47
CA ASN D 110 -14.10 5.81 24.68
C ASN D 110 -15.04 4.97 23.84
N HIS D 111 -15.72 4.00 24.45
CA HIS D 111 -16.40 2.96 23.73
C HIS D 111 -17.60 3.40 22.85
N GLU D 112 -18.07 4.59 23.05
CA GLU D 112 -19.14 5.20 22.27
C GLU D 112 -18.60 5.79 20.98
N LEU D 113 -17.30 6.00 20.87
CA LEU D 113 -16.79 7.00 19.98
C LEU D 113 -16.48 6.41 18.59
N GLU D 114 -17.14 6.88 17.54
CA GLU D 114 -16.87 6.33 16.12
C GLU D 114 -16.03 7.30 15.33
N THR D 115 -15.35 6.80 14.27
CA THR D 115 -14.58 7.71 13.41
C THR D 115 -15.25 7.70 12.04
N LEU D 116 -15.44 8.88 11.43
CA LEU D 116 -16.01 8.96 10.16
C LEU D 116 -15.12 9.76 9.21
N TYR D 117 -15.04 9.39 7.92
CA TYR D 117 -14.05 9.99 7.05
C TYR D 117 -14.67 10.75 5.87
N PHE D 118 -14.11 11.92 5.61
CA PHE D 118 -14.50 12.71 4.48
C PHE D 118 -13.35 12.86 3.50
N MET D 119 -13.69 13.27 2.26
CA MET D 119 -12.62 13.49 1.23
C MET D 119 -12.59 14.98 0.96
N PRO D 120 -11.41 15.49 0.57
CA PRO D 120 -11.33 16.88 0.16
C PRO D 120 -11.69 17.01 -1.34
N THR D 121 -11.72 18.22 -1.92
CA THR D 121 -11.92 18.28 -3.39
C THR D 121 -10.70 17.55 -4.04
N LEU D 122 -10.88 17.10 -5.28
CA LEU D 122 -9.78 16.38 -5.95
C LEU D 122 -8.53 17.25 -6.04
N GLN D 123 -8.66 18.53 -6.40
CA GLN D 123 -7.47 19.48 -6.50
C GLN D 123 -6.66 19.56 -5.26
N ASN D 124 -7.24 19.29 -4.10
CA ASN D 124 -6.52 19.48 -2.84
C ASN D 124 -6.16 18.15 -2.26
N ALA D 125 -6.38 17.09 -2.97
CA ALA D 125 -6.30 15.77 -2.28
C ALA D 125 -4.74 15.43 -2.23
N PHE D 126 -3.92 16.13 -2.98
CA PHE D 126 -2.46 15.87 -2.82
C PHE D 126 -1.78 16.90 -1.85
N ILE D 127 -2.52 17.75 -1.16
CA ILE D 127 -1.87 18.81 -0.35
C ILE D 127 -1.46 18.25 1.00
N SER D 128 -0.22 18.45 1.43
CA SER D 128 0.05 17.99 2.83
C SER D 128 0.77 19.13 3.56
N SER D 129 0.49 19.25 4.85
CA SER D 129 1.16 20.19 5.78
C SER D 129 2.70 20.06 5.71
N SER D 130 3.15 18.83 5.57
CA SER D 130 4.56 18.51 5.53
C SER D 130 5.17 19.23 4.31
N ILE D 131 4.48 19.14 3.19
CA ILE D 131 5.07 19.79 1.99
C ILE D 131 4.95 21.32 2.11
N VAL D 132 3.81 21.79 2.65
CA VAL D 132 3.65 23.20 2.87
C VAL D 132 4.80 23.71 3.81
N ARG D 133 5.14 22.95 4.87
CA ARG D 133 6.23 23.40 5.78
C ARG D 133 7.60 23.46 5.05
N SER D 134 7.81 22.46 4.25
CA SER D 134 9.03 22.33 3.49
C SER D 134 9.19 23.47 2.51
N ILE D 135 8.13 23.78 1.75
CA ILE D 135 8.09 25.02 0.96
C ILE D 135 8.40 26.32 1.68
N ILE D 136 7.67 26.54 2.78
CA ILE D 136 7.77 27.73 3.58
C ILE D 136 9.17 27.73 4.16
N ALA D 137 9.70 26.57 4.55
CA ALA D 137 11.02 26.59 5.27
C ALA D 137 12.12 26.84 4.25
N HIS D 138 11.86 26.56 2.98
CA HIS D 138 12.94 26.71 2.04
C HIS D 138 12.65 27.91 1.23
N LYS D 139 11.88 28.84 1.83
CA LYS D 139 11.70 30.18 1.33
C LYS D 139 10.80 30.32 0.11
N GLY D 140 10.02 29.28 -0.17
CA GLY D 140 9.16 29.30 -1.32
C GLY D 140 7.78 29.85 -1.03
N ASP D 141 6.99 29.94 -2.06
CA ASP D 141 5.74 30.58 -1.93
C ASP D 141 4.65 29.48 -1.78
N ALA D 142 4.02 29.40 -0.62
CA ALA D 142 2.95 28.37 -0.38
C ALA D 142 1.51 28.87 -0.45
N SER D 143 1.31 30.07 -0.96
CA SER D 143 -0.01 30.67 -0.85
C SER D 143 -1.13 29.98 -1.67
N HIS D 144 -0.78 29.23 -2.74
CA HIS D 144 -1.76 28.44 -3.51
C HIS D 144 -2.22 27.23 -2.74
N LEU D 145 -1.66 26.96 -1.55
CA LEU D 145 -1.90 25.65 -0.83
C LEU D 145 -2.57 25.80 0.48
N VAL D 146 -2.63 27.04 0.99
CA VAL D 146 -3.28 27.38 2.25
C VAL D 146 -4.24 28.60 2.13
N PRO D 147 -5.25 28.72 3.06
CA PRO D 147 -6.28 29.80 2.91
C PRO D 147 -5.59 31.24 2.93
N LYS D 148 -6.05 32.16 2.11
CA LYS D 148 -5.35 33.48 2.00
C LYS D 148 -5.27 34.24 3.34
N GLU D 149 -6.23 33.98 4.24
CA GLU D 149 -6.38 34.66 5.55
C GLU D 149 -5.16 34.47 6.37
N ILE D 150 -4.43 33.37 6.11
CA ILE D 150 -3.39 33.02 6.99
C ILE D 150 -2.06 33.43 6.40
N TYR D 151 -2.04 33.73 5.11
CA TYR D 151 -0.73 33.94 4.46
C TYR D 151 0.07 35.02 5.09
N PRO D 152 -0.60 36.13 5.46
CA PRO D 152 0.08 37.17 6.27
C PRO D 152 0.86 36.58 7.43
N LEU D 153 0.34 35.54 8.08
CA LEU D 153 1.03 35.01 9.24
C LEU D 153 2.16 33.99 8.98
N ILE D 154 2.10 33.20 7.93
CA ILE D 154 3.11 32.17 7.72
C ILE D 154 4.38 32.68 7.00
N SER D 155 4.39 33.96 6.62
CA SER D 155 5.55 34.50 5.91
C SER D 155 6.13 35.71 6.65
N MET E 1 -29.06 17.91 4.35
CA MET E 1 -28.05 16.83 4.08
C MET E 1 -28.73 15.74 4.86
N GLN E 2 -28.05 15.18 5.88
CA GLN E 2 -28.65 14.58 7.06
C GLN E 2 -29.87 13.68 6.80
N LYS E 3 -30.65 13.98 5.77
CA LYS E 3 -31.91 13.35 5.63
C LYS E 3 -31.83 11.98 4.96
N ILE E 4 -30.75 11.72 4.20
CA ILE E 4 -30.72 10.42 3.52
C ILE E 4 -29.27 10.08 3.10
N GLY E 5 -28.86 8.84 3.31
CA GLY E 5 -27.67 8.40 2.67
C GLY E 5 -27.88 7.08 2.02
N ILE E 6 -27.05 6.76 1.04
CA ILE E 6 -27.14 5.52 0.33
C ILE E 6 -25.86 4.75 0.53
N TYR E 7 -25.96 3.57 1.08
CA TYR E 7 -24.82 2.59 1.19
C TYR E 7 -24.97 1.46 0.11
N ALA E 8 -24.22 1.59 -0.95
CA ALA E 8 -24.37 0.77 -2.17
C ALA E 8 -23.38 -0.37 -2.10
N GLY E 9 -23.71 -1.57 -2.56
CA GLY E 9 -22.72 -2.60 -2.68
C GLY E 9 -23.25 -3.75 -3.54
N THR E 10 -22.39 -4.72 -3.76
CA THR E 10 -22.87 -5.90 -4.43
C THR E 10 -23.50 -6.86 -3.43
N PHE E 11 -22.99 -6.80 -2.19
CA PHE E 11 -23.49 -7.66 -1.12
C PHE E 11 -23.67 -9.15 -1.54
N ASP E 12 -22.56 -9.84 -1.82
CA ASP E 12 -22.69 -11.17 -2.41
C ASP E 12 -21.98 -12.20 -1.59
N PRO E 13 -22.55 -12.66 -0.46
CA PRO E 13 -23.73 -12.28 0.30
C PRO E 13 -23.39 -11.02 1.26
N VAL E 14 -24.36 -10.56 1.99
CA VAL E 14 -24.09 -9.51 2.96
C VAL E 14 -23.34 -10.21 4.09
N THR E 15 -22.40 -9.50 4.74
CA THR E 15 -21.67 -10.12 5.83
C THR E 15 -21.85 -9.34 7.12
N ASN E 16 -21.24 -9.85 8.17
CA ASN E 16 -21.35 -9.11 9.45
C ASN E 16 -20.64 -7.76 9.33
N GLY E 17 -19.64 -7.69 8.44
CA GLY E 17 -18.98 -6.34 8.19
C GLY E 17 -19.97 -5.35 7.60
N HIS E 18 -20.70 -5.68 6.55
CA HIS E 18 -21.67 -4.77 5.96
C HIS E 18 -22.76 -4.39 6.98
N ILE E 19 -23.18 -5.35 7.77
CA ILE E 19 -24.21 -5.05 8.81
C ILE E 19 -23.66 -4.01 9.78
N ASP E 20 -22.41 -4.19 10.23
CA ASP E 20 -21.74 -3.13 11.08
C ASP E 20 -21.88 -1.70 10.47
N ILE E 21 -21.56 -1.59 9.17
CA ILE E 21 -21.67 -0.29 8.49
C ILE E 21 -23.11 0.19 8.49
N ILE E 22 -24.05 -0.71 8.22
CA ILE E 22 -25.49 -0.26 8.22
C ILE E 22 -25.88 0.26 9.60
N HIS E 23 -25.42 -0.43 10.62
CA HIS E 23 -25.76 -0.14 12.04
C HIS E 23 -25.26 1.21 12.32
N ARG E 24 -23.98 1.47 12.02
CA ARG E 24 -23.44 2.83 12.27
C ARG E 24 -23.92 3.99 11.40
N SER E 25 -24.00 3.81 10.05
CA SER E 25 -24.43 4.89 9.17
C SER E 25 -25.94 5.16 9.43
N SER E 26 -26.72 4.12 9.78
CA SER E 26 -28.17 4.31 9.98
C SER E 26 -28.43 5.31 11.20
N GLU E 27 -27.38 5.59 12.00
CA GLU E 27 -27.44 6.46 13.13
C GLU E 27 -27.27 7.88 12.70
N LEU E 28 -26.64 8.11 11.55
CA LEU E 28 -26.28 9.45 11.14
C LEU E 28 -27.33 10.00 10.19
N PHE E 29 -28.10 9.17 9.47
CA PHE E 29 -29.01 9.74 8.46
C PHE E 29 -30.45 9.42 8.87
N GLU E 30 -31.40 10.27 8.51
CA GLU E 30 -32.83 10.06 8.95
C GLU E 30 -33.24 8.74 8.36
N LYS E 31 -32.89 8.57 7.08
CA LYS E 31 -33.17 7.41 6.25
C LYS E 31 -31.81 6.89 5.64
N LEU E 32 -31.55 5.59 5.75
CA LEU E 32 -30.40 4.96 5.00
C LEU E 32 -30.96 3.98 3.98
N ILE E 33 -30.68 4.25 2.72
CA ILE E 33 -31.02 3.31 1.66
C ILE E 33 -29.83 2.35 1.51
N VAL E 34 -30.08 1.05 1.62
CA VAL E 34 -29.12 0.04 1.33
C VAL E 34 -29.41 -0.41 -0.12
N ALA E 35 -28.50 -0.11 -1.03
CA ALA E 35 -28.73 -0.27 -2.48
C ALA E 35 -27.88 -1.46 -3.10
N VAL E 36 -28.57 -2.50 -3.56
CA VAL E 36 -27.87 -3.72 -4.05
C VAL E 36 -27.78 -3.56 -5.52
N ALA E 37 -26.53 -3.38 -6.00
CA ALA E 37 -26.24 -3.17 -7.37
C ALA E 37 -26.32 -4.58 -8.04
N HIS E 38 -26.87 -4.56 -9.25
CA HIS E 38 -26.82 -5.77 -10.10
C HIS E 38 -25.41 -6.29 -10.13
N SER E 39 -24.45 -5.49 -10.61
CA SER E 39 -23.01 -5.90 -10.64
C SER E 39 -22.80 -7.19 -11.46
N SER E 40 -23.57 -7.35 -12.56
CA SER E 40 -23.46 -8.58 -13.38
C SER E 40 -21.97 -8.81 -13.87
N ALA E 41 -21.27 -7.70 -14.15
CA ALA E 41 -19.83 -7.70 -14.46
C ALA E 41 -18.87 -8.38 -13.44
N LYS E 42 -19.19 -8.40 -12.15
CA LYS E 42 -18.48 -9.25 -11.23
C LYS E 42 -19.23 -10.54 -11.57
N ASN E 43 -19.04 -11.63 -10.90
CA ASN E 43 -20.05 -12.59 -11.43
C ASN E 43 -20.64 -13.09 -10.20
N PRO E 44 -21.60 -12.34 -9.65
CA PRO E 44 -21.94 -12.67 -8.25
C PRO E 44 -22.33 -14.11 -8.08
N MET E 45 -22.00 -14.73 -6.94
CA MET E 45 -22.46 -16.10 -6.65
C MET E 45 -23.97 -16.18 -6.48
N PHE E 46 -24.54 -15.10 -5.94
CA PHE E 46 -26.00 -15.08 -5.71
C PHE E 46 -26.70 -14.12 -6.65
N SER E 47 -27.93 -14.43 -7.07
CA SER E 47 -28.62 -13.56 -8.04
C SER E 47 -28.95 -12.20 -7.39
N LEU E 48 -29.27 -11.17 -8.19
CA LEU E 48 -29.82 -9.95 -7.61
C LEU E 48 -30.96 -10.20 -6.61
N ASP E 49 -31.85 -11.16 -6.88
CA ASP E 49 -33.02 -11.35 -6.05
C ASP E 49 -32.63 -11.96 -4.80
N GLU E 50 -31.67 -12.89 -4.88
CA GLU E 50 -31.29 -13.57 -3.67
C GLU E 50 -30.59 -12.57 -2.72
N ARG E 51 -29.82 -11.66 -3.32
CA ARG E 51 -28.93 -10.75 -2.56
C ARG E 51 -29.83 -9.70 -1.92
N LEU E 52 -30.85 -9.19 -2.65
CA LEU E 52 -31.88 -8.27 -2.05
C LEU E 52 -32.60 -8.95 -0.91
N LYS E 53 -33.08 -10.15 -1.17
CA LYS E 53 -33.84 -10.85 -0.11
C LYS E 53 -32.99 -11.04 1.19
N MET E 54 -31.72 -11.41 0.96
CA MET E 54 -30.86 -11.68 2.12
C MET E 54 -30.60 -10.35 2.87
N ILE E 55 -30.35 -9.29 2.16
CA ILE E 55 -30.02 -8.09 2.95
C ILE E 55 -31.29 -7.54 3.59
N GLN E 56 -32.44 -7.74 2.93
CA GLN E 56 -33.76 -7.42 3.58
C GLN E 56 -33.98 -8.16 4.89
N LEU E 57 -33.76 -9.45 4.93
CA LEU E 57 -33.88 -10.20 6.21
C LEU E 57 -32.93 -9.71 7.27
N ALA E 58 -31.66 -9.48 6.86
CA ALA E 58 -30.59 -9.20 7.83
C ALA E 58 -30.78 -7.75 8.33
N THR E 59 -31.52 -6.94 7.62
CA THR E 59 -31.78 -5.61 8.08
C THR E 59 -33.24 -5.36 8.62
N LYS E 60 -33.96 -6.42 8.90
CA LYS E 60 -35.39 -6.33 9.25
C LYS E 60 -35.57 -5.35 10.45
N SER E 61 -34.77 -5.58 11.48
CA SER E 61 -34.88 -4.76 12.63
C SER E 61 -34.20 -3.39 12.66
N PHE E 62 -33.77 -2.80 11.54
CA PHE E 62 -33.31 -1.39 11.51
C PHE E 62 -34.43 -0.52 11.00
N LYS E 63 -34.98 0.30 11.90
CA LYS E 63 -36.22 0.97 11.61
C LYS E 63 -36.12 1.82 10.39
N ASN E 64 -35.00 2.56 10.25
CA ASN E 64 -34.89 3.55 9.19
C ASN E 64 -34.06 3.09 7.96
N VAL E 65 -33.92 1.79 7.84
CA VAL E 65 -33.16 1.19 6.73
C VAL E 65 -34.11 0.65 5.62
N GLU E 66 -33.87 0.99 4.39
CA GLU E 66 -34.72 0.48 3.33
C GLU E 66 -33.78 -0.03 2.22
N CYS E 67 -33.97 -1.29 1.82
CA CYS E 67 -33.10 -2.00 0.85
C CYS E 67 -33.75 -1.95 -0.52
N VAL E 68 -32.99 -1.64 -1.55
CA VAL E 68 -33.53 -1.57 -2.91
C VAL E 68 -32.48 -2.24 -3.84
N ALA E 69 -32.89 -2.72 -5.02
CA ALA E 69 -31.93 -3.23 -6.02
C ALA E 69 -31.98 -2.22 -7.12
N PHE E 70 -30.87 -1.96 -7.81
CA PHE E 70 -30.81 -1.03 -8.87
C PHE E 70 -29.89 -1.50 -9.96
N GLU E 71 -30.09 -0.99 -11.18
CA GLU E 71 -29.35 -1.47 -12.39
C GLU E 71 -28.44 -0.47 -13.05
N GLY E 72 -28.64 0.80 -12.80
CA GLY E 72 -27.92 1.80 -13.53
C GLY E 72 -26.81 2.36 -12.61
N LEU E 73 -26.50 3.59 -12.90
CA LEU E 73 -25.42 4.31 -12.23
C LEU E 73 -25.90 4.72 -10.84
N LEU E 74 -25.01 4.51 -9.92
CA LEU E 74 -25.23 4.95 -8.57
C LEU E 74 -25.34 6.49 -8.53
N ALA E 75 -24.53 7.20 -9.27
CA ALA E 75 -24.72 8.61 -9.26
C ALA E 75 -26.19 9.06 -9.57
N ASN E 76 -26.79 8.46 -10.58
CA ASN E 76 -28.25 8.69 -10.95
C ASN E 76 -29.20 8.18 -9.87
N LEU E 77 -28.95 6.99 -9.27
CA LEU E 77 -29.75 6.62 -8.15
C LEU E 77 -29.87 7.66 -7.01
N ALA E 78 -28.73 8.29 -6.67
CA ALA E 78 -28.64 9.24 -5.57
C ALA E 78 -29.60 10.45 -5.87
N LYS E 79 -29.47 10.92 -7.09
CA LYS E 79 -30.20 12.03 -7.70
C LYS E 79 -31.71 11.79 -7.54
N GLU E 80 -32.14 10.59 -7.95
CA GLU E 80 -33.50 10.06 -7.74
C GLU E 80 -33.97 10.13 -6.35
N TYR E 81 -33.09 9.81 -5.38
CA TYR E 81 -33.52 9.81 -3.97
C TYR E 81 -33.26 11.17 -3.31
N HIS E 82 -32.96 12.22 -4.09
CA HIS E 82 -32.50 13.51 -3.55
C HIS E 82 -31.41 13.32 -2.50
N CYS E 83 -30.40 12.52 -2.83
CA CYS E 83 -29.38 12.12 -1.82
C CYS E 83 -28.06 12.73 -2.23
N LYS E 84 -27.37 13.33 -1.25
CA LYS E 84 -26.12 13.90 -1.61
C LYS E 84 -25.00 13.23 -0.82
N VAL E 85 -25.27 12.07 -0.18
CA VAL E 85 -24.22 11.35 0.51
C VAL E 85 -24.18 9.86 0.18
N LEU E 86 -23.07 9.35 -0.38
CA LEU E 86 -22.86 7.88 -0.46
C LEU E 86 -22.09 7.38 0.71
N VAL E 87 -22.51 6.26 1.26
CA VAL E 87 -21.85 5.67 2.39
C VAL E 87 -20.95 4.53 1.91
N ARG E 88 -19.73 4.45 2.45
CA ARG E 88 -18.85 3.32 2.17
C ARG E 88 -18.27 2.81 3.48
N GLY E 89 -17.85 1.54 3.49
CA GLY E 89 -17.24 0.95 4.66
C GLY E 89 -15.77 0.81 4.36
N LEU E 90 -14.89 1.16 5.29
CA LEU E 90 -13.47 0.97 5.10
C LEU E 90 -13.02 -0.18 6.02
N ARG E 91 -12.23 -1.12 5.48
CA ARG E 91 -11.85 -2.23 6.27
C ARG E 91 -10.46 -2.56 5.87
N VAL E 92 -9.94 -3.60 6.47
CA VAL E 92 -8.52 -3.90 6.38
C VAL E 92 -8.07 -4.13 4.93
N VAL E 93 -8.85 -4.82 4.15
CA VAL E 93 -8.40 -5.10 2.79
C VAL E 93 -9.01 -4.06 1.84
N SER E 94 -9.52 -2.91 2.33
CA SER E 94 -10.02 -1.94 1.41
C SER E 94 -8.91 -1.55 0.36
N ASP E 95 -9.32 -1.29 -0.90
CA ASP E 95 -8.36 -0.66 -1.90
C ASP E 95 -8.57 0.82 -1.78
N PHE E 96 -7.81 1.43 -0.89
CA PHE E 96 -8.19 2.73 -0.50
C PHE E 96 -8.09 3.81 -1.58
N GLU E 97 -7.08 3.70 -2.42
CA GLU E 97 -6.95 4.58 -3.53
C GLU E 97 -8.16 4.28 -4.51
N TYR E 98 -8.58 3.04 -4.68
CA TYR E 98 -9.78 2.85 -5.53
C TYR E 98 -11.00 3.55 -4.97
N GLU E 99 -11.18 3.54 -3.65
CA GLU E 99 -12.34 4.26 -2.95
C GLU E 99 -12.28 5.71 -3.28
N LEU E 100 -11.10 6.29 -3.17
CA LEU E 100 -11.01 7.71 -3.52
C LEU E 100 -11.40 7.94 -4.96
N GLN E 101 -10.81 7.13 -5.83
CA GLN E 101 -11.09 7.28 -7.22
C GLN E 101 -12.57 7.18 -7.53
N MET E 102 -13.24 6.17 -6.96
CA MET E 102 -14.70 6.03 -7.14
C MET E 102 -15.50 7.22 -6.60
N GLY E 103 -15.13 7.76 -5.42
CA GLY E 103 -15.75 8.94 -4.89
C GLY E 103 -15.59 10.13 -5.83
N TYR E 104 -14.41 10.37 -6.43
CA TYR E 104 -14.30 11.49 -7.36
C TYR E 104 -15.00 11.22 -8.73
N ALA E 105 -15.05 9.94 -9.18
CA ALA E 105 -15.82 9.53 -10.39
C ALA E 105 -17.35 9.76 -10.13
N ASN E 106 -17.83 9.36 -8.95
CA ASN E 106 -19.22 9.66 -8.56
C ASN E 106 -19.62 11.16 -8.49
N LYS E 107 -18.77 12.01 -7.88
CA LYS E 107 -18.95 13.49 -7.81
C LYS E 107 -18.91 14.06 -9.23
N SER E 108 -18.12 13.41 -10.11
CA SER E 108 -17.95 13.71 -11.54
C SER E 108 -19.29 13.67 -12.20
N LEU E 109 -20.02 12.62 -11.88
CA LEU E 109 -21.30 12.32 -12.46
C LEU E 109 -22.47 13.10 -11.88
N ASN E 110 -22.33 13.57 -10.65
CA ASN E 110 -23.41 14.22 -9.91
C ASN E 110 -22.70 15.12 -8.94
N HIS E 111 -22.54 16.35 -9.36
CA HIS E 111 -21.77 17.34 -8.64
C HIS E 111 -22.16 17.63 -7.24
N GLU E 112 -23.34 17.21 -6.81
CA GLU E 112 -23.60 17.48 -5.40
C GLU E 112 -23.23 16.33 -4.49
N LEU E 113 -22.67 15.23 -5.04
CA LEU E 113 -22.73 13.98 -4.32
C LEU E 113 -21.39 13.71 -3.61
N GLU E 114 -21.39 13.62 -2.27
CA GLU E 114 -20.13 13.37 -1.46
C GLU E 114 -20.09 11.97 -1.03
N THR E 115 -18.88 11.50 -0.70
CA THR E 115 -18.71 10.13 -0.23
C THR E 115 -18.25 10.19 1.19
N LEU E 116 -18.88 9.37 2.06
CA LEU E 116 -18.50 9.34 3.43
C LEU E 116 -18.19 7.92 3.99
N TYR E 117 -17.11 7.77 4.78
CA TYR E 117 -16.65 6.36 5.18
C TYR E 117 -16.85 6.08 6.61
N PHE E 118 -17.31 4.88 6.91
CA PHE E 118 -17.34 4.37 8.26
C PHE E 118 -16.50 3.14 8.37
N MET E 119 -16.24 2.76 9.62
CA MET E 119 -15.49 1.58 9.93
C MET E 119 -16.38 0.52 10.60
N PRO E 120 -16.08 -0.76 10.39
CA PRO E 120 -16.89 -1.76 11.04
C PRO E 120 -16.34 -1.99 12.46
N THR E 121 -16.93 -2.88 13.23
CA THR E 121 -16.24 -3.23 14.52
C THR E 121 -14.89 -3.90 14.21
N LEU E 122 -13.98 -3.84 15.16
CA LEU E 122 -12.60 -4.33 14.87
C LEU E 122 -12.70 -5.80 14.49
N GLN E 123 -13.57 -6.57 15.19
CA GLN E 123 -13.75 -8.03 14.90
C GLN E 123 -14.12 -8.38 13.47
N ASN E 124 -14.85 -7.49 12.75
CA ASN E 124 -15.42 -7.75 11.44
C ASN E 124 -14.61 -6.99 10.37
N ALA E 125 -13.52 -6.31 10.77
CA ALA E 125 -12.70 -5.45 9.78
C ALA E 125 -11.95 -6.38 8.79
N PHE E 126 -11.79 -7.66 9.14
CA PHE E 126 -11.12 -8.60 8.22
C PHE E 126 -12.11 -9.48 7.40
N ILE E 127 -13.41 -9.21 7.50
CA ILE E 127 -14.37 -10.03 6.74
C ILE E 127 -14.52 -9.59 5.30
N SER E 128 -14.30 -10.45 4.35
CA SER E 128 -14.69 -10.03 2.96
C SER E 128 -15.63 -11.03 2.34
N SER E 129 -16.52 -10.51 1.52
CA SER E 129 -17.38 -11.34 0.72
C SER E 129 -16.71 -12.44 -0.09
N SER E 130 -15.54 -12.15 -0.69
CA SER E 130 -14.86 -13.18 -1.47
C SER E 130 -14.38 -14.27 -0.54
N ILE E 131 -13.96 -13.93 0.65
CA ILE E 131 -13.50 -15.10 1.49
C ILE E 131 -14.73 -15.89 1.89
N VAL E 132 -15.81 -15.16 2.21
CA VAL E 132 -17.01 -15.86 2.58
C VAL E 132 -17.44 -16.79 1.38
N ARG E 133 -17.45 -16.25 0.18
CA ARG E 133 -17.88 -17.10 -0.99
C ARG E 133 -16.91 -18.27 -1.18
N SER E 134 -15.63 -18.08 -0.89
CA SER E 134 -14.65 -19.18 -1.09
C SER E 134 -14.99 -20.29 -0.11
N ILE E 135 -15.33 -19.88 1.11
CA ILE E 135 -15.76 -20.84 2.14
C ILE E 135 -17.02 -21.64 1.77
N ILE E 136 -18.04 -20.91 1.32
CA ILE E 136 -19.33 -21.44 0.98
C ILE E 136 -19.10 -22.35 -0.24
N ALA E 137 -18.28 -21.92 -1.18
CA ALA E 137 -18.11 -22.76 -2.39
C ALA E 137 -17.33 -24.05 -2.10
N HIS E 138 -16.59 -24.09 -1.02
CA HIS E 138 -15.81 -25.28 -0.76
C HIS E 138 -16.40 -26.03 0.39
N LYS E 139 -17.70 -25.81 0.63
CA LYS E 139 -18.44 -26.56 1.65
C LYS E 139 -18.09 -26.27 3.09
N GLY E 140 -17.56 -25.10 3.37
CA GLY E 140 -17.13 -24.78 4.70
C GLY E 140 -18.34 -24.11 5.36
N ASP E 141 -18.22 -23.88 6.66
CA ASP E 141 -19.30 -23.27 7.40
C ASP E 141 -18.88 -21.79 7.59
N ALA E 142 -19.64 -20.89 6.99
CA ALA E 142 -19.38 -19.42 7.06
C ALA E 142 -20.43 -18.71 7.95
N SER E 143 -21.13 -19.45 8.82
CA SER E 143 -22.17 -18.80 9.59
C SER E 143 -21.67 -17.80 10.65
N HIS E 144 -20.38 -17.90 11.07
CA HIS E 144 -19.77 -16.95 11.99
C HIS E 144 -19.43 -15.60 11.32
N LEU E 145 -19.55 -15.48 9.99
CA LEU E 145 -19.12 -14.28 9.24
C LEU E 145 -20.24 -13.57 8.61
N VAL E 146 -21.48 -14.17 8.61
CA VAL E 146 -22.69 -13.54 8.00
C VAL E 146 -23.90 -13.51 9.00
N PRO E 147 -24.87 -12.60 8.81
CA PRO E 147 -25.92 -12.61 9.88
C PRO E 147 -26.70 -13.91 9.92
N LYS E 148 -27.08 -14.38 11.13
CA LYS E 148 -27.87 -15.68 11.28
C LYS E 148 -29.15 -15.75 10.38
N GLU E 149 -29.78 -14.61 10.14
CA GLU E 149 -31.00 -14.64 9.29
C GLU E 149 -30.80 -15.14 7.89
N ILE E 150 -29.57 -15.14 7.38
CA ILE E 150 -29.41 -15.56 6.00
C ILE E 150 -28.90 -16.95 5.89
N TYR E 151 -28.44 -17.54 6.98
CA TYR E 151 -27.81 -18.87 6.81
C TYR E 151 -28.67 -19.93 6.13
N PRO E 152 -29.97 -19.97 6.46
CA PRO E 152 -30.81 -20.90 5.66
C PRO E 152 -30.70 -20.62 4.15
N LEU E 153 -30.39 -19.38 3.75
CA LEU E 153 -30.35 -19.12 2.30
C LEU E 153 -29.03 -19.52 1.60
N ILE E 154 -27.89 -19.11 2.14
CA ILE E 154 -26.59 -19.37 1.52
C ILE E 154 -26.08 -20.81 1.73
N SER E 155 -26.88 -21.62 2.39
CA SER E 155 -26.53 -23.00 2.58
C SER E 155 -27.62 -23.89 1.97
N MET F 1 17.52 -24.58 12.26
CA MET F 1 16.24 -23.81 11.91
C MET F 1 15.12 -24.19 12.90
N GLN F 2 15.08 -25.43 13.34
CA GLN F 2 13.98 -25.89 14.24
C GLN F 2 14.37 -25.63 15.67
N LYS F 3 15.68 -25.32 15.89
CA LYS F 3 16.25 -25.33 17.25
C LYS F 3 16.09 -23.99 17.98
N ILE F 4 16.13 -22.89 17.22
CA ILE F 4 16.20 -21.59 17.89
C ILE F 4 15.66 -20.53 16.95
N GLY F 5 14.96 -19.54 17.53
CA GLY F 5 14.55 -18.35 16.77
C GLY F 5 14.89 -17.08 17.56
N ILE F 6 15.19 -16.01 16.86
CA ILE F 6 15.39 -14.73 17.63
C ILE F 6 14.34 -13.69 17.21
N TYR F 7 13.52 -13.30 18.15
CA TYR F 7 12.52 -12.22 17.95
C TYR F 7 13.07 -10.92 18.55
N ALA F 8 13.59 -10.08 17.66
CA ALA F 8 14.29 -8.85 18.02
C ALA F 8 13.28 -7.68 17.89
N GLY F 9 13.41 -6.63 18.71
CA GLY F 9 12.51 -5.48 18.64
C GLY F 9 13.04 -4.43 19.58
N THR F 10 12.40 -3.23 19.57
CA THR F 10 12.76 -2.15 20.44
C THR F 10 11.96 -2.32 21.69
N PHE F 11 10.76 -2.94 21.55
CA PHE F 11 9.84 -3.20 22.66
C PHE F 11 9.63 -2.04 23.61
N ASP F 12 9.01 -0.95 23.11
CA ASP F 12 9.02 0.38 23.85
C ASP F 12 7.64 0.95 24.07
N PRO F 13 6.84 0.37 25.01
CA PRO F 13 7.09 -0.83 25.87
C PRO F 13 6.60 -2.10 25.16
N VAL F 14 6.83 -3.23 25.78
CA VAL F 14 6.20 -4.47 25.29
C VAL F 14 4.68 -4.35 25.34
N THR F 15 4.02 -4.76 24.25
CA THR F 15 2.53 -4.66 24.18
C THR F 15 1.96 -6.09 24.03
N ASN F 16 0.61 -6.20 24.02
CA ASN F 16 -0.05 -7.50 23.96
C ASN F 16 0.18 -8.14 22.58
N GLY F 17 0.46 -7.31 21.58
CA GLY F 17 0.79 -7.83 20.25
C GLY F 17 2.14 -8.54 20.22
N HIS F 18 3.16 -7.94 20.80
CA HIS F 18 4.47 -8.60 20.91
C HIS F 18 4.28 -9.92 21.70
N ILE F 19 3.56 -9.93 22.80
CA ILE F 19 3.32 -11.18 23.60
C ILE F 19 2.68 -12.27 22.74
N ASP F 20 1.69 -11.90 21.93
CA ASP F 20 1.12 -12.85 20.96
C ASP F 20 2.24 -13.46 20.09
N ILE F 21 3.14 -12.61 19.57
CA ILE F 21 4.16 -13.11 18.67
C ILE F 21 5.09 -14.03 19.51
N ILE F 22 5.44 -13.59 20.74
CA ILE F 22 6.28 -14.41 21.57
C ILE F 22 5.55 -15.77 21.80
N HIS F 23 4.29 -15.77 22.24
CA HIS F 23 3.52 -17.04 22.41
C HIS F 23 3.61 -17.86 21.17
N ARG F 24 3.26 -17.25 20.02
CA ARG F 24 3.24 -18.05 18.78
C ARG F 24 4.57 -18.64 18.28
N SER F 25 5.61 -17.78 18.18
CA SER F 25 6.89 -18.28 17.66
C SER F 25 7.55 -19.21 18.69
N SER F 26 7.22 -19.02 19.96
CA SER F 26 7.80 -19.96 20.93
C SER F 26 7.26 -21.38 20.75
N GLU F 27 6.15 -21.54 20.06
CA GLU F 27 5.58 -22.91 19.75
C GLU F 27 6.26 -23.55 18.56
N LEU F 28 7.07 -22.74 17.81
CA LEU F 28 7.67 -23.21 16.56
C LEU F 28 9.20 -23.51 16.62
N PHE F 29 9.89 -23.08 17.67
CA PHE F 29 11.28 -23.39 17.83
C PHE F 29 11.54 -23.96 19.26
N GLU F 30 12.58 -24.76 19.41
CA GLU F 30 12.81 -25.40 20.70
C GLU F 30 13.23 -24.28 21.72
N LYS F 31 13.99 -23.26 21.29
CA LYS F 31 14.23 -22.11 22.18
C LYS F 31 13.89 -20.84 21.37
N LEU F 32 13.35 -19.86 22.07
CA LEU F 32 13.15 -18.49 21.54
C LEU F 32 13.96 -17.45 22.41
N ILE F 33 14.77 -16.67 21.72
CA ILE F 33 15.46 -15.49 22.24
C ILE F 33 14.66 -14.25 21.88
N VAL F 34 14.16 -13.60 22.87
CA VAL F 34 13.57 -12.29 22.71
C VAL F 34 14.68 -11.25 22.92
N ALA F 35 15.07 -10.56 21.84
CA ALA F 35 16.28 -9.72 21.85
C ALA F 35 15.88 -8.15 21.81
N VAL F 36 16.14 -7.48 22.89
CA VAL F 36 15.79 -6.05 23.09
C VAL F 36 16.91 -5.22 22.60
N ALA F 37 16.70 -4.58 21.45
CA ALA F 37 17.73 -3.75 20.86
C ALA F 37 17.85 -2.38 21.56
N HIS F 38 19.09 -1.91 21.67
CA HIS F 38 19.25 -0.49 22.21
C HIS F 38 18.39 0.52 21.41
N SER F 39 18.56 0.60 20.07
CA SER F 39 17.70 1.49 19.23
C SER F 39 17.77 2.93 19.67
N SER F 40 18.95 3.36 20.06
CA SER F 40 19.09 4.73 20.57
C SER F 40 18.63 5.75 19.48
N ALA F 41 18.68 5.35 18.20
CA ALA F 41 18.32 6.26 17.09
C ALA F 41 16.78 6.47 17.13
N LYS F 42 16.02 5.51 17.60
CA LYS F 42 14.58 5.69 17.71
C LYS F 42 14.53 6.49 18.94
N ASN F 43 13.47 7.02 19.40
CA ASN F 43 14.06 7.71 20.59
C ASN F 43 13.45 7.18 21.81
N PRO F 44 13.86 5.95 22.27
CA PRO F 44 12.86 5.21 23.08
C PRO F 44 12.40 5.95 24.31
N MET F 45 11.14 5.82 24.64
CA MET F 45 10.60 6.46 25.87
C MET F 45 11.21 5.80 27.11
N PHE F 46 11.49 4.51 27.03
CA PHE F 46 11.98 3.74 28.18
C PHE F 46 13.39 3.33 27.85
N SER F 47 14.27 3.25 28.87
CA SER F 47 15.68 2.90 28.59
C SER F 47 15.79 1.40 28.31
N LEU F 48 16.86 1.02 27.68
CA LEU F 48 17.15 -0.39 27.42
C LEU F 48 16.85 -1.25 28.63
N ASP F 49 17.38 -0.80 29.75
CA ASP F 49 17.32 -1.60 30.91
C ASP F 49 15.87 -1.75 31.46
N GLU F 50 15.03 -0.73 31.36
CA GLU F 50 13.59 -0.86 31.69
C GLU F 50 12.91 -1.80 30.70
N ARG F 51 13.30 -1.68 29.45
CA ARG F 51 12.50 -2.47 28.34
C ARG F 51 12.92 -3.92 28.47
N LEU F 52 14.23 -4.20 28.73
CA LEU F 52 14.64 -5.62 29.13
C LEU F 52 13.79 -6.17 30.33
N LYS F 53 13.79 -5.40 31.42
CA LYS F 53 13.10 -5.84 32.61
C LYS F 53 11.59 -6.07 32.35
N MET F 54 10.93 -5.13 31.63
CA MET F 54 9.47 -5.31 31.41
C MET F 54 9.22 -6.61 30.59
N ILE F 55 10.07 -6.85 29.58
CA ILE F 55 9.83 -8.03 28.70
C ILE F 55 10.11 -9.36 29.45
N GLN F 56 11.12 -9.37 30.32
CA GLN F 56 11.35 -10.49 31.26
C GLN F 56 10.20 -10.79 32.14
N LEU F 57 9.62 -9.77 32.68
CA LEU F 57 8.50 -9.90 33.59
C LEU F 57 7.33 -10.39 32.80
N ALA F 58 7.20 -9.92 31.57
CA ALA F 58 5.99 -10.27 30.89
C ALA F 58 6.14 -11.65 30.27
N THR F 59 7.33 -12.16 30.12
CA THR F 59 7.50 -13.47 29.51
C THR F 59 7.95 -14.58 30.47
N LYS F 60 7.91 -14.31 31.78
CA LYS F 60 8.57 -15.19 32.77
C LYS F 60 7.89 -16.57 32.76
N SER F 61 6.62 -16.65 32.37
CA SER F 61 6.00 -17.95 32.33
C SER F 61 6.18 -18.83 31.05
N PHE F 62 6.50 -18.29 29.89
CA PHE F 62 7.01 -19.09 28.73
C PHE F 62 8.27 -19.87 29.01
N LYS F 63 8.19 -21.20 29.00
CA LYS F 63 9.35 -21.93 29.49
C LYS F 63 10.57 -21.96 28.60
N ASN F 64 10.43 -21.68 27.33
CA ASN F 64 11.55 -21.87 26.45
C ASN F 64 11.99 -20.49 25.85
N VAL F 65 11.65 -19.47 26.60
CA VAL F 65 11.96 -18.11 26.11
C VAL F 65 13.17 -17.52 26.94
N GLU F 66 14.20 -17.00 26.31
CA GLU F 66 15.20 -16.19 27.05
C GLU F 66 15.21 -14.73 26.55
N CYS F 67 15.17 -13.73 27.43
CA CYS F 67 15.28 -12.31 27.02
C CYS F 67 16.66 -11.77 27.22
N VAL F 68 17.17 -11.07 26.23
CA VAL F 68 18.53 -10.44 26.25
C VAL F 68 18.45 -9.03 25.65
N ALA F 69 19.44 -8.16 26.02
CA ALA F 69 19.51 -6.83 25.47
C ALA F 69 20.75 -6.85 24.66
N PHE F 70 20.76 -6.17 23.54
CA PHE F 70 21.95 -6.19 22.66
C PHE F 70 22.19 -4.83 21.99
N GLU F 71 23.46 -4.49 21.74
CA GLU F 71 23.84 -3.18 21.20
C GLU F 71 24.32 -3.20 19.76
N GLY F 72 24.67 -4.35 19.24
CA GLY F 72 25.30 -4.49 17.98
C GLY F 72 24.26 -4.90 16.90
N LEU F 73 24.80 -5.48 15.84
CA LEU F 73 24.00 -5.88 14.70
C LEU F 73 23.22 -7.18 15.04
N LEU F 74 21.96 -7.27 14.62
CA LEU F 74 21.21 -8.48 14.85
C LEU F 74 21.83 -9.66 14.10
N ALA F 75 22.31 -9.47 12.87
CA ALA F 75 22.82 -10.57 12.14
C ALA F 75 24.05 -11.22 12.85
N ASN F 76 24.82 -10.40 13.54
CA ASN F 76 25.98 -10.99 14.30
C ASN F 76 25.49 -11.69 15.57
N LEU F 77 24.48 -11.11 16.17
CA LEU F 77 23.85 -11.70 17.31
C LEU F 77 23.38 -13.12 16.98
N ALA F 78 22.68 -13.23 15.86
CA ALA F 78 22.19 -14.56 15.38
C ALA F 78 23.35 -15.57 15.20
N LYS F 79 24.41 -15.10 14.59
CA LYS F 79 25.64 -15.90 14.53
C LYS F 79 26.13 -16.40 15.89
N GLU F 80 26.22 -15.49 16.80
CA GLU F 80 26.78 -15.84 18.09
C GLU F 80 25.88 -16.90 18.78
N TYR F 81 24.59 -16.94 18.45
CA TYR F 81 23.67 -17.93 18.95
C TYR F 81 23.48 -19.18 18.05
N HIS F 82 24.21 -19.30 16.98
CA HIS F 82 24.03 -20.41 16.10
C HIS F 82 22.61 -20.50 15.58
N CYS F 83 22.05 -19.32 15.26
CA CYS F 83 20.65 -19.20 14.87
C CYS F 83 20.55 -18.69 13.46
N LYS F 84 19.72 -19.37 12.70
CA LYS F 84 19.43 -19.23 11.29
C LYS F 84 18.06 -18.47 11.13
N VAL F 85 17.27 -18.26 12.19
CA VAL F 85 15.93 -17.67 11.96
C VAL F 85 15.75 -16.36 12.81
N LEU F 86 15.35 -15.25 12.16
CA LEU F 86 14.76 -14.06 12.85
C LEU F 86 13.25 -14.17 12.71
N VAL F 87 12.57 -13.94 13.82
CA VAL F 87 11.14 -13.93 13.91
C VAL F 87 10.66 -12.52 13.80
N ARG F 88 9.66 -12.28 12.96
CA ARG F 88 9.03 -10.92 12.99
C ARG F 88 7.54 -11.07 13.11
N GLY F 89 6.84 -10.05 13.66
CA GLY F 89 5.38 -10.24 13.64
C GLY F 89 4.85 -9.39 12.52
N LEU F 90 3.78 -9.82 11.85
CA LEU F 90 3.12 -8.98 10.86
C LEU F 90 1.78 -8.55 11.38
N ARG F 91 1.54 -7.25 11.34
CA ARG F 91 0.24 -6.70 11.76
C ARG F 91 -0.29 -5.74 10.70
N VAL F 92 -1.39 -5.08 11.07
CA VAL F 92 -2.18 -4.31 10.05
C VAL F 92 -1.33 -3.13 9.59
N VAL F 93 -0.68 -2.47 10.56
CA VAL F 93 0.10 -1.30 10.18
C VAL F 93 1.54 -1.68 9.86
N SER F 94 1.85 -2.98 9.61
CA SER F 94 3.29 -3.26 9.22
C SER F 94 3.64 -2.57 7.92
N ASP F 95 4.87 -2.09 7.83
CA ASP F 95 5.37 -1.60 6.53
C ASP F 95 5.94 -2.81 5.86
N PHE F 96 5.13 -3.42 5.04
CA PHE F 96 5.51 -4.67 4.48
C PHE F 96 6.74 -4.69 3.59
N GLU F 97 6.89 -3.71 2.71
CA GLU F 97 8.05 -3.67 1.88
C GLU F 97 9.33 -3.46 2.72
N TYR F 98 9.24 -2.70 3.80
CA TYR F 98 10.41 -2.46 4.66
C TYR F 98 10.78 -3.76 5.41
N GLU F 99 9.81 -4.55 5.81
CA GLU F 99 10.14 -5.93 6.38
C GLU F 99 10.88 -6.71 5.43
N LEU F 100 10.43 -6.80 4.18
CA LEU F 100 11.14 -7.64 3.25
C LEU F 100 12.56 -7.07 2.98
N GLN F 101 12.64 -5.74 2.82
CA GLN F 101 13.92 -5.12 2.71
C GLN F 101 14.86 -5.49 3.89
N MET F 102 14.38 -5.37 5.09
CA MET F 102 15.21 -5.68 6.28
C MET F 102 15.61 -7.19 6.30
N GLY F 103 14.65 -8.08 5.96
CA GLY F 103 15.01 -9.50 5.78
C GLY F 103 16.17 -9.70 4.79
N TYR F 104 16.13 -9.02 3.61
CA TYR F 104 17.22 -9.21 2.67
C TYR F 104 18.55 -8.55 3.15
N ALA F 105 18.46 -7.40 3.84
CA ALA F 105 19.62 -6.65 4.43
C ALA F 105 20.26 -7.57 5.53
N ASN F 106 19.44 -8.15 6.38
CA ASN F 106 19.96 -9.13 7.37
C ASN F 106 20.62 -10.35 6.77
N LYS F 107 20.00 -10.88 5.70
CA LYS F 107 20.61 -12.00 4.99
C LYS F 107 21.92 -11.58 4.22
N SER F 108 22.05 -10.30 3.87
CA SER F 108 23.32 -9.72 3.27
C SER F 108 24.47 -9.71 4.22
N LEU F 109 24.14 -9.58 5.49
CA LEU F 109 25.09 -9.56 6.53
C LEU F 109 25.42 -10.94 7.15
N ASN F 110 24.62 -11.97 6.87
CA ASN F 110 24.84 -13.26 7.44
C ASN F 110 24.03 -14.13 6.53
N HIS F 111 24.73 -14.81 5.60
CA HIS F 111 24.16 -15.49 4.45
C HIS F 111 23.25 -16.68 4.80
N GLU F 112 23.28 -17.19 6.02
CA GLU F 112 22.41 -18.28 6.28
C GLU F 112 21.04 -17.83 6.89
N LEU F 113 20.92 -16.52 7.17
CA LEU F 113 19.92 -16.03 8.06
C LEU F 113 18.58 -15.95 7.31
N GLU F 114 17.53 -16.66 7.77
CA GLU F 114 16.15 -16.45 7.24
C GLU F 114 15.28 -15.61 8.17
N THR F 115 14.32 -14.90 7.63
CA THR F 115 13.30 -14.18 8.40
C THR F 115 11.93 -14.83 8.18
N LEU F 116 11.25 -15.11 9.30
CA LEU F 116 9.97 -15.80 9.30
C LEU F 116 8.95 -14.90 10.04
N TYR F 117 7.71 -14.86 9.58
CA TYR F 117 6.75 -13.89 10.08
C TYR F 117 5.56 -14.62 10.71
N PHE F 118 5.18 -14.24 11.90
CA PHE F 118 3.99 -14.71 12.60
C PHE F 118 2.92 -13.59 12.69
N MET F 119 1.69 -13.97 12.90
CA MET F 119 0.62 -13.02 13.07
C MET F 119 0.16 -13.11 14.55
N PRO F 120 -0.23 -11.97 15.11
CA PRO F 120 -0.83 -11.90 16.44
C PRO F 120 -2.27 -12.33 16.37
N THR F 121 -2.93 -12.43 17.52
CA THR F 121 -4.38 -12.66 17.53
C THR F 121 -5.01 -11.47 16.76
N LEU F 122 -6.15 -11.73 16.18
CA LEU F 122 -6.80 -10.67 15.36
C LEU F 122 -7.08 -9.43 16.24
N GLN F 123 -7.50 -9.67 17.49
CA GLN F 123 -7.80 -8.52 18.40
C GLN F 123 -6.59 -7.64 18.63
N ASN F 124 -5.36 -8.19 18.62
CA ASN F 124 -4.19 -7.37 18.88
C ASN F 124 -3.48 -6.91 17.60
N ALA F 125 -4.07 -7.17 16.46
CA ALA F 125 -3.45 -6.88 15.18
C ALA F 125 -3.39 -5.35 14.83
N PHE F 126 -4.13 -4.51 15.58
CA PHE F 126 -4.05 -3.07 15.47
C PHE F 126 -3.26 -2.37 16.57
N ILE F 127 -2.65 -3.13 17.48
CA ILE F 127 -1.90 -2.56 18.60
C ILE F 127 -0.52 -2.14 18.11
N SER F 128 -0.14 -0.88 18.31
CA SER F 128 1.27 -0.54 18.17
C SER F 128 1.84 0.15 19.40
N SER F 129 3.16 0.05 19.54
CA SER F 129 3.85 0.68 20.62
C SER F 129 3.68 2.20 20.58
N SER F 130 3.68 2.79 19.37
CA SER F 130 3.62 4.25 19.26
C SER F 130 2.27 4.79 19.85
N ILE F 131 1.20 4.02 19.74
CA ILE F 131 -0.06 4.47 20.20
C ILE F 131 -0.05 4.25 21.70
N VAL F 132 0.53 3.15 22.21
CA VAL F 132 0.63 3.03 23.64
C VAL F 132 1.44 4.21 24.23
N ARG F 133 2.61 4.48 23.68
CA ARG F 133 3.35 5.64 24.15
C ARG F 133 2.51 6.92 24.15
N SER F 134 1.74 7.10 23.12
CA SER F 134 0.98 8.33 23.09
C SER F 134 -0.05 8.40 24.21
N ILE F 135 -0.73 7.26 24.50
CA ILE F 135 -1.67 7.21 25.60
C ILE F 135 -0.99 7.48 26.93
N ILE F 136 0.12 6.77 27.21
CA ILE F 136 0.89 6.99 28.40
C ILE F 136 1.33 8.50 28.53
N ALA F 137 1.91 9.07 27.46
CA ALA F 137 2.44 10.47 27.46
C ALA F 137 1.28 11.45 27.83
N HIS F 138 0.07 11.14 27.41
CA HIS F 138 -1.03 12.02 27.68
C HIS F 138 -1.82 11.67 28.89
N LYS F 139 -1.18 10.97 29.82
CA LYS F 139 -1.72 10.46 31.10
C LYS F 139 -3.00 9.65 31.03
N GLY F 140 -3.27 9.02 29.88
CA GLY F 140 -4.34 8.06 29.80
C GLY F 140 -3.99 6.62 30.20
N ASP F 141 -4.98 5.75 30.10
CA ASP F 141 -4.89 4.37 30.62
C ASP F 141 -4.71 3.45 29.43
N ALA F 142 -3.54 2.83 29.35
CA ALA F 142 -3.20 1.92 28.29
C ALA F 142 -3.07 0.48 28.82
N SER F 143 -3.74 0.19 29.95
CA SER F 143 -3.66 -1.14 30.53
C SER F 143 -4.44 -2.20 29.76
N HIS F 144 -5.36 -1.85 28.87
CA HIS F 144 -5.89 -2.84 27.96
C HIS F 144 -4.96 -3.26 26.79
N LEU F 145 -3.82 -2.63 26.65
CA LEU F 145 -2.96 -2.81 25.48
C LEU F 145 -1.59 -3.49 25.77
N VAL F 146 -1.25 -3.63 27.04
CA VAL F 146 0.11 -4.17 27.41
C VAL F 146 -0.13 -5.18 28.55
N PRO F 147 0.70 -6.20 28.66
CA PRO F 147 0.47 -7.19 29.77
C PRO F 147 0.39 -6.56 31.22
N LYS F 148 -0.63 -6.92 32.00
CA LYS F 148 -0.73 -6.59 33.47
C LYS F 148 0.62 -6.55 34.20
N GLU F 149 1.49 -7.55 33.96
CA GLU F 149 2.82 -7.52 34.56
C GLU F 149 3.57 -6.23 34.49
N ILE F 150 3.48 -5.48 33.39
CA ILE F 150 4.37 -4.35 33.28
C ILE F 150 3.62 -3.06 33.66
N TYR F 151 2.32 -3.15 33.89
CA TYR F 151 1.52 -1.91 34.04
C TYR F 151 1.99 -0.92 35.16
N PRO F 152 2.37 -1.45 36.33
CA PRO F 152 3.00 -0.63 37.40
C PRO F 152 4.25 0.11 36.94
N LEU F 153 4.97 -0.49 36.01
CA LEU F 153 6.26 -0.01 35.61
C LEU F 153 6.12 0.97 34.47
N ILE F 154 4.89 1.38 34.15
CA ILE F 154 4.61 2.23 33.01
C ILE F 154 3.96 3.55 33.38
N SER F 155 3.12 3.53 34.42
CA SER F 155 2.36 4.71 34.84
C SER F 155 2.94 5.26 36.15
#